data_3ZJ7
#
_entry.id   3ZJ7
#
_cell.length_a   159.219
_cell.length_b   159.219
_cell.length_c   110.974
_cell.angle_alpha   90.00
_cell.angle_beta   90.00
_cell.angle_gamma   90.00
#
_symmetry.space_group_name_H-M   'P 4 21 2'
#
loop_
_entity.id
_entity.type
_entity.pdbx_description
1 polymer STRICTOSIDINE-O-BETA-D-GLUCOSIDASE
2 non-polymer (1R,2S,3S,4R,5R)-4-(cyclohexylamino)-5-(hydroxymethyl)cyclopentane-1,2,3-triol
3 water water
#
_entity_poly.entity_id   1
_entity_poly.type   'polypeptide(L)'
_entity_poly.pdbx_seq_one_letter_code
;MDNTQAEPLVVAIVPKPNASTEHTNSHLIPVTRSKIVVHRRDFPQDFIFGAGGSAYQCEGAYNEGNRGPSIWDTFTQRSP
AKISDGSNGNQAINCYHMYKEDIKIMKQTGLESYRFSISWSRVLPGGRLAAGVNKDGVKFYHDFIDELLANGIKPSVTLF
HWDLPQALEDEYGGFLSHRIVDDFCEYAEFCFWEFGDKIKYWTTFNEPHTFAVNGYALGEFAPGRGGKGDEGDPAIEPYV
VTHNILLAHKAAVEEYRNKFQKCQEGEIGIVLNSMWMEPLSDVQADIDAQKRALDFMLGWFLEPLTTGDYPKSMRELVKG
RLPKFSADDSEKLKGCYDFIGMNYYTATYVTNAVKSNSEKLSYETDDQVTKTFERNQKPIGHALYGGWQHVVPWGLYKLL
VYTKETYHVPVLYVTESGMVEENKTKILLSEARRDAERTDYHQKHLASVRDAIDDGVNVKGYFVWSFFDNFEWNLGYICR
YGIIHVDYKSFERYPKESAIWYKNFIAGKSTTSPAKRRREEAQVELVKRQKT
;
_entity_poly.pdbx_strand_id   A,B
#
loop_
_chem_comp.id
_chem_comp.type
_chem_comp.name
_chem_comp.formula
C1K non-polymer (1R,2S,3S,4R,5R)-4-(cyclohexylamino)-5-(hydroxymethyl)cyclopentane-1,2,3-triol 'C12 H23 N O4'
#
# COMPACT_ATOMS: atom_id res chain seq x y z
N VAL A 37 -10.04 49.18 8.82
CA VAL A 37 -9.05 50.30 8.75
C VAL A 37 -7.62 49.76 9.09
N VAL A 38 -7.17 48.86 8.22
CA VAL A 38 -5.83 48.27 8.18
C VAL A 38 -5.41 48.33 6.69
N HIS A 39 -4.23 48.90 6.43
CA HIS A 39 -3.71 49.09 5.06
C HIS A 39 -2.30 48.53 5.02
N ARG A 40 -1.84 48.04 3.85
CA ARG A 40 -0.49 47.43 3.69
C ARG A 40 0.68 48.35 4.12
N ARG A 41 0.52 49.66 3.94
CA ARG A 41 1.52 50.59 4.50
C ARG A 41 1.71 50.45 6.03
N ASP A 42 0.69 50.01 6.76
CA ASP A 42 0.87 49.80 8.19
C ASP A 42 1.82 48.64 8.54
N PHE A 43 2.26 47.86 7.55
CA PHE A 43 3.12 46.69 7.79
C PHE A 43 4.51 46.97 7.22
N PRO A 44 5.57 46.28 7.69
CA PRO A 44 6.88 46.54 7.07
C PRO A 44 6.96 46.25 5.58
N GLN A 45 7.95 46.90 4.93
CA GLN A 45 8.21 46.79 3.48
C GLN A 45 8.37 45.35 3.07
N ASP A 46 8.54 44.55 4.08
CA ASP A 46 9.31 43.35 4.06
C ASP A 46 8.46 42.12 4.39
N PHE A 47 7.22 42.35 4.82
CA PHE A 47 6.23 41.35 5.16
C PHE A 47 5.69 40.53 3.94
N ILE A 48 5.31 39.27 4.13
CA ILE A 48 4.82 38.48 3.01
C ILE A 48 3.32 38.29 3.17
N PHE A 49 2.54 38.35 2.10
CA PHE A 49 1.11 38.09 2.22
C PHE A 49 0.80 36.97 1.28
N GLY A 50 0.28 35.87 1.84
CA GLY A 50 0.08 34.68 1.10
C GLY A 50 -1.24 34.07 1.42
N ALA A 51 -1.42 32.87 0.88
CA ALA A 51 -2.51 31.95 1.22
C ALA A 51 -1.98 30.54 1.10
N GLY A 52 -2.76 29.57 1.52
CA GLY A 52 -2.28 28.20 1.61
C GLY A 52 -3.34 27.18 1.38
N GLY A 53 -2.87 25.96 1.11
CA GLY A 53 -3.65 24.72 0.97
C GLY A 53 -2.84 23.47 1.38
N SER A 54 -3.44 22.30 1.36
CA SER A 54 -2.68 21.09 1.64
C SER A 54 -2.96 20.02 0.63
N ALA A 55 -2.05 19.06 0.48
CA ALA A 55 -2.12 18.08 -0.57
C ALA A 55 -3.33 17.16 -0.51
N TYR A 56 -3.61 16.53 0.61
CA TYR A 56 -4.79 15.67 0.70
C TYR A 56 -6.13 16.42 0.56
N GLN A 57 -6.20 17.64 1.11
CA GLN A 57 -7.45 18.40 0.97
C GLN A 57 -7.65 18.92 -0.44
N CYS A 58 -6.57 19.25 -1.15
CA CYS A 58 -6.70 19.89 -2.48
C CYS A 58 -6.53 18.95 -3.71
N GLU A 59 -5.53 18.06 -3.66
CA GLU A 59 -5.00 17.47 -4.88
C GLU A 59 -5.92 16.50 -5.61
N GLY A 60 -6.52 15.54 -4.90
CA GLY A 60 -7.29 14.51 -5.53
C GLY A 60 -6.36 13.57 -6.30
N ALA A 61 -6.91 12.86 -7.28
CA ALA A 61 -6.15 11.96 -8.13
C ALA A 61 -5.45 11.00 -7.22
N TYR A 62 -6.19 10.52 -6.20
CA TYR A 62 -5.65 9.67 -5.13
C TYR A 62 -5.01 8.41 -5.67
N ASN A 63 -5.56 7.91 -6.79
CA ASN A 63 -5.19 6.66 -7.41
C ASN A 63 -4.73 6.92 -8.86
N GLU A 64 -3.95 7.96 -9.07
CA GLU A 64 -3.46 8.36 -10.40
C GLU A 64 -1.97 8.84 -10.33
N GLY A 65 -1.20 8.66 -11.41
CA GLY A 65 0.22 8.93 -11.44
C GLY A 65 0.92 8.25 -10.29
N ASN A 66 0.39 7.04 -9.95
CA ASN A 66 1.10 6.01 -9.16
C ASN A 66 1.35 6.41 -7.72
N ARG A 67 0.54 7.35 -7.26
CA ARG A 67 0.46 7.70 -5.84
C ARG A 67 0.08 6.46 -5.01
N GLY A 68 0.80 6.26 -3.92
CA GLY A 68 0.38 5.22 -3.00
C GLY A 68 -0.55 5.79 -1.94
N PRO A 69 -1.41 4.94 -1.37
CA PRO A 69 -2.39 5.30 -0.29
C PRO A 69 -1.75 6.02 0.92
N SER A 70 -2.45 7.00 1.49
CA SER A 70 -2.07 7.62 2.79
C SER A 70 -3.09 7.08 3.81
N ILE A 71 -2.86 7.40 5.09
CA ILE A 71 -3.76 6.99 6.19
C ILE A 71 -5.10 7.71 6.05
N TRP A 72 -5.10 8.84 5.35
CA TRP A 72 -6.34 9.59 5.15
C TRP A 72 -7.24 8.96 4.09
N ASP A 73 -6.63 8.34 3.08
CA ASP A 73 -7.37 7.55 2.06
C ASP A 73 -8.02 6.38 2.77
N THR A 74 -7.26 5.70 3.64
CA THR A 74 -7.72 4.55 4.38
C THR A 74 -8.82 4.85 5.38
N PHE A 75 -8.62 5.85 6.22
CA PHE A 75 -9.58 6.32 7.23
C PHE A 75 -10.94 6.63 6.57
N THR A 76 -10.84 7.35 5.47
CA THR A 76 -11.95 7.90 4.74
C THR A 76 -12.66 6.81 3.96
N GLN A 77 -11.91 5.79 3.51
CA GLN A 77 -12.51 4.66 2.76
C GLN A 77 -13.00 3.48 3.57
N ARG A 78 -12.27 3.15 4.64
CA ARG A 78 -12.70 2.08 5.53
C ARG A 78 -13.65 2.58 6.60
N SER A 79 -13.58 3.87 6.95
CA SER A 79 -14.45 4.55 7.95
C SER A 79 -15.28 5.73 7.43
N PRO A 80 -16.14 5.52 6.45
CA PRO A 80 -16.89 6.70 6.01
C PRO A 80 -17.75 7.38 7.12
N ALA A 81 -18.34 6.59 8.02
CA ALA A 81 -19.13 7.09 9.16
C ALA A 81 -18.30 8.07 9.99
N LYS A 82 -16.99 7.88 9.98
CA LYS A 82 -16.21 8.78 10.77
C LYS A 82 -16.14 10.19 10.11
N ILE A 83 -16.66 10.26 8.89
CA ILE A 83 -16.69 11.49 8.11
C ILE A 83 -18.14 11.97 8.03
N SER A 84 -18.33 13.26 8.28
CA SER A 84 -19.64 13.84 8.52
C SER A 84 -20.65 13.61 7.37
N ASP A 85 -20.18 13.68 6.14
CA ASP A 85 -21.02 13.37 4.98
C ASP A 85 -20.58 12.09 4.22
N GLY A 86 -19.72 11.31 4.90
CA GLY A 86 -19.06 10.10 4.40
C GLY A 86 -18.20 10.30 3.15
N SER A 87 -17.87 11.54 2.87
CA SER A 87 -17.05 11.92 1.74
C SER A 87 -15.56 11.72 1.99
N ASN A 88 -14.77 12.09 0.98
CA ASN A 88 -13.34 11.82 1.01
C ASN A 88 -12.61 12.72 0.05
N GLY A 89 -11.28 12.63 0.08
CA GLY A 89 -10.41 13.40 -0.79
C GLY A 89 -10.00 12.60 -2.03
N ASN A 90 -10.86 11.73 -2.49
CA ASN A 90 -10.51 11.06 -3.73
C ASN A 90 -10.24 12.04 -4.86
N GLN A 91 -11.17 12.95 -5.05
CA GLN A 91 -11.14 13.93 -6.13
C GLN A 91 -10.83 15.24 -5.46
N ALA A 92 -11.34 15.40 -4.21
CA ALA A 92 -11.08 16.58 -3.35
C ALA A 92 -11.48 17.74 -4.23
N ILE A 93 -10.65 18.74 -4.51
CA ILE A 93 -11.00 19.79 -5.48
C ILE A 93 -10.14 19.80 -6.75
N ASN A 94 -9.40 18.72 -6.94
CA ASN A 94 -8.82 18.33 -8.22
C ASN A 94 -7.66 19.21 -8.65
N CYS A 95 -6.83 19.63 -7.68
CA CYS A 95 -5.70 20.54 -7.94
C CYS A 95 -4.62 19.93 -8.78
N TYR A 96 -4.57 18.60 -8.76
CA TYR A 96 -3.55 17.88 -9.49
C TYR A 96 -3.71 18.02 -11.00
N HIS A 97 -4.94 18.08 -11.50
CA HIS A 97 -5.22 18.30 -12.92
C HIS A 97 -5.48 19.73 -13.26
N MET A 98 -5.76 20.58 -12.27
CA MET A 98 -6.13 21.97 -12.52
C MET A 98 -5.13 22.98 -12.06
N TYR A 99 -3.89 22.56 -11.79
CA TYR A 99 -2.90 23.48 -11.17
C TYR A 99 -2.63 24.74 -11.97
N LYS A 100 -2.78 24.69 -13.31
CA LYS A 100 -2.43 25.89 -14.14
C LYS A 100 -3.44 27.01 -13.98
N GLU A 101 -4.71 26.64 -14.08
CA GLU A 101 -5.80 27.52 -13.73
C GLU A 101 -5.70 28.09 -12.23
N ASP A 102 -5.45 27.18 -11.28
CA ASP A 102 -5.31 27.52 -9.89
C ASP A 102 -4.20 28.52 -9.74
N ILE A 103 -3.12 28.41 -10.51
CA ILE A 103 -2.01 29.37 -10.33
C ILE A 103 -2.37 30.73 -10.92
N LYS A 104 -3.04 30.67 -12.07
CA LYS A 104 -3.67 31.83 -12.66
C LYS A 104 -4.48 32.62 -11.59
N ILE A 105 -5.30 31.91 -10.81
CA ILE A 105 -6.21 32.56 -9.85
C ILE A 105 -5.42 33.10 -8.72
N MET A 106 -4.36 32.41 -8.31
CA MET A 106 -3.43 32.97 -7.33
C MET A 106 -2.82 34.30 -7.78
N LYS A 107 -2.38 34.34 -9.04
CA LYS A 107 -1.81 35.55 -9.57
C LYS A 107 -2.83 36.72 -9.74
N GLN A 108 -4.07 36.41 -10.15
CA GLN A 108 -5.21 37.36 -10.12
C GLN A 108 -5.48 38.04 -8.73
N THR A 109 -5.36 37.27 -7.62
CA THR A 109 -5.38 37.84 -6.27
C THR A 109 -4.06 38.55 -5.88
N GLY A 110 -3.01 38.40 -6.65
CA GLY A 110 -1.72 38.97 -6.22
C GLY A 110 -1.02 38.33 -5.01
N LEU A 111 -1.23 37.04 -4.78
CA LEU A 111 -0.49 36.29 -3.77
C LEU A 111 1.03 36.47 -3.90
N GLU A 112 1.71 36.63 -2.77
CA GLU A 112 3.16 36.81 -2.87
C GLU A 112 3.78 35.46 -2.65
N SER A 113 3.07 34.60 -1.93
CA SER A 113 3.51 33.25 -1.71
C SER A 113 2.36 32.27 -1.57
N TYR A 114 2.61 31.05 -1.96
CA TYR A 114 1.60 30.03 -1.79
C TYR A 114 2.16 28.85 -0.98
N ARG A 115 1.50 28.53 0.14
CA ARG A 115 1.92 27.44 0.96
C ARG A 115 1.17 26.24 0.58
N PHE A 116 1.90 25.15 0.30
CA PHE A 116 1.26 23.86 -0.07
C PHE A 116 1.99 22.72 0.59
N SER A 117 1.49 21.49 0.47
CA SER A 117 2.25 20.38 1.05
C SER A 117 2.57 19.26 0.03
N ILE A 118 3.70 18.60 0.15
CA ILE A 118 3.99 17.42 -0.71
C ILE A 118 3.31 16.20 -0.05
N SER A 119 2.50 15.50 -0.84
CA SER A 119 2.05 14.21 -0.45
C SER A 119 3.24 13.24 -0.45
N TRP A 120 3.64 12.80 0.75
CA TRP A 120 4.73 11.86 0.91
C TRP A 120 4.52 10.68 -0.01
N SER A 121 3.32 10.11 0.03
CA SER A 121 2.98 8.96 -0.72
C SER A 121 2.70 9.23 -2.20
N ARG A 122 2.65 10.49 -2.61
CA ARG A 122 2.80 10.75 -4.05
C ARG A 122 4.28 10.71 -4.55
N VAL A 123 5.27 11.09 -3.75
CA VAL A 123 6.67 10.92 -4.15
C VAL A 123 7.32 9.54 -3.82
N LEU A 124 6.91 8.88 -2.72
CA LEU A 124 7.36 7.55 -2.35
C LEU A 124 6.16 6.67 -1.93
N PRO A 125 5.55 5.93 -2.89
CA PRO A 125 4.32 5.13 -2.66
C PRO A 125 4.29 4.29 -1.36
N GLY A 126 5.42 3.66 -1.01
CA GLY A 126 5.58 2.94 0.24
C GLY A 126 6.37 3.60 1.37
N GLY A 127 6.57 4.91 1.30
CA GLY A 127 7.20 5.69 2.36
C GLY A 127 8.71 5.58 2.37
N ARG A 128 9.23 4.35 2.41
CA ARG A 128 10.64 4.11 2.45
C ARG A 128 11.15 4.19 1.05
N LEU A 129 12.44 3.95 0.86
CA LEU A 129 13.07 4.17 -0.42
C LEU A 129 13.15 2.88 -1.15
N ALA A 130 13.14 1.75 -0.44
CA ALA A 130 12.99 0.40 -1.10
C ALA A 130 11.84 0.22 -2.10
N ALA A 131 10.67 0.79 -1.78
CA ALA A 131 9.46 0.62 -2.59
C ALA A 131 9.31 1.56 -3.79
N GLY A 132 10.25 2.50 -3.96
CA GLY A 132 10.43 3.30 -5.20
C GLY A 132 10.38 4.83 -5.08
N VAL A 133 11.05 5.51 -5.99
CA VAL A 133 10.73 6.90 -6.24
C VAL A 133 9.74 6.95 -7.39
N ASN A 134 8.59 7.61 -7.15
CA ASN A 134 7.57 7.81 -8.21
C ASN A 134 7.87 9.05 -9.08
N LYS A 135 8.34 8.82 -10.30
CA LYS A 135 8.65 9.95 -11.20
C LYS A 135 7.46 10.74 -11.69
N ASP A 136 6.26 10.15 -11.82
CA ASP A 136 5.00 10.95 -12.08
C ASP A 136 4.77 11.92 -10.95
N GLY A 137 4.88 11.39 -9.74
CA GLY A 137 4.93 12.16 -8.53
C GLY A 137 5.82 13.36 -8.61
N VAL A 138 7.14 13.16 -8.85
CA VAL A 138 8.11 14.23 -8.75
C VAL A 138 7.98 15.18 -9.96
N LYS A 139 7.46 14.72 -11.08
CA LYS A 139 7.22 15.63 -12.20
C LYS A 139 6.08 16.59 -11.89
N PHE A 140 5.02 16.10 -11.22
CA PHE A 140 3.91 16.97 -10.81
C PHE A 140 4.39 18.19 -9.98
N TYR A 141 5.16 17.94 -8.90
CA TYR A 141 5.66 19.02 -8.04
C TYR A 141 6.67 19.92 -8.70
N HIS A 142 7.48 19.39 -9.61
CA HIS A 142 8.33 20.29 -10.42
C HIS A 142 7.43 21.15 -11.30
N ASP A 143 6.40 20.58 -11.89
CA ASP A 143 5.50 21.37 -12.76
C ASP A 143 4.80 22.50 -11.94
N PHE A 144 4.29 22.10 -10.77
CA PHE A 144 3.56 22.97 -9.85
C PHE A 144 4.50 24.02 -9.30
N ILE A 145 5.71 23.65 -8.87
CA ILE A 145 6.76 24.68 -8.45
C ILE A 145 7.19 25.69 -9.57
N ASP A 146 7.60 25.19 -10.73
CA ASP A 146 7.99 26.05 -11.84
C ASP A 146 6.86 27.01 -12.33
N GLU A 147 5.60 26.63 -12.16
CA GLU A 147 4.46 27.38 -12.61
C GLU A 147 4.15 28.53 -11.67
N LEU A 148 4.43 28.34 -10.38
CA LEU A 148 4.32 29.36 -9.35
C LEU A 148 5.42 30.44 -9.52
N LEU A 149 6.64 29.99 -9.77
CA LEU A 149 7.68 30.93 -10.06
C LEU A 149 7.47 31.66 -11.41
N ALA A 150 6.95 30.99 -12.41
CA ALA A 150 6.74 31.64 -13.69
C ALA A 150 5.72 32.80 -13.52
N ASN A 151 4.82 32.66 -12.54
CA ASN A 151 3.82 33.66 -12.22
C ASN A 151 4.18 34.56 -11.03
N GLY A 152 5.47 34.65 -10.73
CA GLY A 152 5.97 35.52 -9.67
C GLY A 152 5.63 35.11 -8.25
N ILE A 153 4.94 34.00 -8.09
CA ILE A 153 4.54 33.48 -6.79
C ILE A 153 5.63 32.62 -6.07
N LYS A 154 6.11 33.08 -4.91
CA LYS A 154 7.11 32.34 -4.16
C LYS A 154 6.59 31.05 -3.50
N PRO A 155 7.21 29.90 -3.81
CA PRO A 155 6.70 28.68 -3.15
C PRO A 155 7.27 28.41 -1.75
N SER A 156 6.39 28.15 -0.80
CA SER A 156 6.71 27.74 0.56
C SER A 156 6.14 26.31 0.85
N VAL A 157 6.97 25.31 1.17
CA VAL A 157 6.59 23.91 1.07
C VAL A 157 6.57 23.15 2.41
N THR A 158 5.46 22.48 2.70
CA THR A 158 5.36 21.61 3.89
C THR A 158 5.61 20.13 3.54
N LEU A 159 6.41 19.47 4.34
CA LEU A 159 6.76 18.09 4.13
C LEU A 159 5.61 17.17 4.60
N PHE A 160 4.95 17.53 5.69
CA PHE A 160 4.02 16.62 6.31
C PHE A 160 2.85 17.36 6.86
N HIS A 161 1.74 17.16 6.15
CA HIS A 161 0.41 17.64 6.49
C HIS A 161 -0.57 16.46 6.69
N TRP A 162 -0.21 15.53 7.58
CA TRP A 162 -1.05 14.46 8.10
C TRP A 162 -1.13 13.29 7.20
N ASP A 163 -0.83 13.46 5.90
CA ASP A 163 -0.98 12.33 4.92
C ASP A 163 0.17 11.29 4.97
N LEU A 164 0.17 10.43 5.98
CA LEU A 164 1.29 9.51 6.12
C LEU A 164 1.09 8.38 5.15
N PRO A 165 2.15 7.97 4.42
CA PRO A 165 2.01 6.72 3.65
C PRO A 165 1.50 5.56 4.48
N GLN A 166 0.39 4.99 4.02
CA GLN A 166 -0.22 3.80 4.64
C GLN A 166 0.75 2.56 4.82
N ALA A 167 1.67 2.35 3.85
CA ALA A 167 2.70 1.32 4.03
C ALA A 167 3.48 1.45 5.34
N LEU A 168 3.78 2.68 5.80
CA LEU A 168 4.48 2.97 7.08
C LEU A 168 3.67 2.89 8.35
N GLU A 169 2.42 3.31 8.28
CA GLU A 169 1.46 2.97 9.31
C GLU A 169 1.25 1.42 9.41
N ASP A 170 1.24 0.73 8.30
CA ASP A 170 1.06 -0.71 8.40
C ASP A 170 2.29 -1.36 8.97
N GLU A 171 3.46 -1.00 8.46
CA GLU A 171 4.66 -1.72 8.73
C GLU A 171 5.05 -1.66 10.20
N TYR A 172 5.10 -0.45 10.77
CA TYR A 172 5.56 -0.29 12.13
C TYR A 172 4.76 0.73 12.95
N GLY A 173 3.56 1.09 12.48
CA GLY A 173 2.69 2.00 13.25
C GLY A 173 2.92 3.48 13.06
N GLY A 174 3.60 3.84 11.96
CA GLY A 174 3.98 5.23 11.72
C GLY A 174 4.66 5.90 12.91
N PHE A 175 4.09 7.01 13.38
CA PHE A 175 4.59 7.77 14.55
C PHE A 175 4.46 7.07 15.92
N LEU A 176 3.94 5.86 15.95
CA LEU A 176 3.97 5.03 17.16
C LEU A 176 5.33 4.38 17.35
N SER A 177 6.13 4.38 16.29
CA SER A 177 7.49 3.91 16.39
C SER A 177 8.58 4.97 16.10
N HIS A 178 9.70 4.85 16.81
CA HIS A 178 10.91 5.63 16.50
C HIS A 178 11.43 5.42 15.07
N ARG A 179 11.01 4.33 14.44
CA ARG A 179 11.37 4.01 13.04
C ARG A 179 10.98 5.09 12.02
N ILE A 180 10.11 6.03 12.45
CA ILE A 180 9.58 7.06 11.60
C ILE A 180 10.66 8.10 11.36
N VAL A 181 11.59 8.24 12.31
CA VAL A 181 12.58 9.31 12.27
C VAL A 181 13.46 9.23 11.03
N ASP A 182 14.00 8.05 10.75
CA ASP A 182 14.96 7.87 9.67
C ASP A 182 14.29 7.89 8.31
N ASP A 183 13.09 7.34 8.27
CA ASP A 183 12.22 7.28 7.12
C ASP A 183 11.75 8.70 6.75
N PHE A 184 11.44 9.53 7.76
CA PHE A 184 11.02 10.90 7.54
C PHE A 184 12.20 11.69 7.08
N CYS A 185 13.35 11.36 7.67
CA CYS A 185 14.56 12.08 7.39
C CYS A 185 15.02 11.87 5.94
N GLU A 186 14.78 10.65 5.38
CA GLU A 186 15.08 10.35 3.94
C GLU A 186 14.13 10.90 2.95
N TYR A 187 12.87 10.98 3.33
CA TYR A 187 11.87 11.71 2.61
C TYR A 187 12.25 13.19 2.50
N ALA A 188 12.56 13.80 3.65
CA ALA A 188 13.07 15.16 3.75
C ALA A 188 14.30 15.40 2.85
N GLU A 189 15.28 14.50 2.93
CA GLU A 189 16.48 14.66 2.18
C GLU A 189 16.15 14.58 0.67
N PHE A 190 15.35 13.60 0.26
CA PHE A 190 14.95 13.50 -1.13
C PHE A 190 14.34 14.84 -1.63
N CYS A 191 13.39 15.36 -0.83
CA CYS A 191 12.72 16.65 -1.10
C CYS A 191 13.65 17.86 -1.19
N PHE A 192 14.58 18.02 -0.24
CA PHE A 192 15.60 19.05 -0.34
C PHE A 192 16.40 18.95 -1.61
N TRP A 193 16.91 17.76 -1.92
CA TRP A 193 17.61 17.52 -3.16
C TRP A 193 16.74 17.78 -4.43
N GLU A 194 15.62 17.07 -4.60
CA GLU A 194 14.79 17.13 -5.81
C GLU A 194 14.15 18.49 -6.13
N PHE A 195 13.77 19.27 -5.10
CA PHE A 195 13.04 20.56 -5.25
C PHE A 195 13.70 21.80 -4.64
N GLY A 196 14.68 21.59 -3.75
CA GLY A 196 15.17 22.60 -2.87
C GLY A 196 15.92 23.71 -3.56
N ASP A 197 16.22 23.56 -4.87
CA ASP A 197 17.00 24.60 -5.54
C ASP A 197 16.06 25.74 -5.95
N LYS A 198 14.75 25.49 -5.82
CA LYS A 198 13.75 26.49 -6.21
C LYS A 198 12.92 26.96 -5.03
N ILE A 199 13.19 26.39 -3.86
CA ILE A 199 12.35 26.69 -2.73
C ILE A 199 13.12 27.23 -1.47
N LYS A 200 12.63 28.34 -0.90
CA LYS A 200 13.26 29.03 0.23
C LYS A 200 12.62 28.78 1.60
N TYR A 201 11.39 28.28 1.66
CA TYR A 201 10.78 28.08 2.96
C TYR A 201 10.35 26.65 3.11
N TRP A 202 10.82 25.98 4.16
CA TRP A 202 10.46 24.60 4.39
C TRP A 202 9.82 24.41 5.77
N THR A 203 8.64 23.82 5.84
CA THR A 203 8.09 23.45 7.13
C THR A 203 8.16 21.94 7.27
N THR A 204 8.70 21.50 8.39
CA THR A 204 8.69 20.05 8.73
C THR A 204 7.22 19.48 8.85
N PHE A 205 6.46 19.96 9.84
CA PHE A 205 5.13 19.43 10.18
C PHE A 205 4.18 20.57 10.30
N ASN A 206 2.96 20.38 9.85
CA ASN A 206 1.89 21.31 10.13
C ASN A 206 0.99 20.74 11.25
N GLU A 207 0.72 21.58 12.24
CA GLU A 207 -0.07 21.19 13.40
C GLU A 207 0.14 19.77 14.00
N PRO A 208 1.34 19.46 14.48
CA PRO A 208 1.42 18.11 15.07
C PRO A 208 0.52 17.91 16.32
N HIS A 209 0.12 19.02 16.98
CA HIS A 209 -0.87 18.90 18.06
C HIS A 209 -2.23 18.34 17.57
N THR A 210 -2.71 18.82 16.43
CA THR A 210 -3.91 18.28 15.86
C THR A 210 -3.80 16.84 15.35
N PHE A 211 -2.67 16.50 14.76
CA PHE A 211 -2.41 15.17 14.27
C PHE A 211 -2.36 14.14 15.41
N ALA A 212 -1.59 14.47 16.44
CA ALA A 212 -1.39 13.67 17.66
C ALA A 212 -2.66 13.59 18.54
N VAL A 213 -3.21 14.75 18.91
CA VAL A 213 -4.46 14.77 19.67
C VAL A 213 -5.64 14.18 18.91
N ASN A 214 -5.99 14.68 17.73
CA ASN A 214 -7.15 14.19 17.02
C ASN A 214 -7.03 12.79 16.43
N GLY A 215 -5.80 12.32 16.23
CA GLY A 215 -5.60 11.00 15.69
C GLY A 215 -5.47 9.82 16.65
N TYR A 216 -5.00 10.13 17.87
CA TYR A 216 -4.63 9.18 18.91
C TYR A 216 -5.26 9.37 20.31
N ALA A 217 -5.91 10.51 20.54
CA ALA A 217 -6.64 10.71 21.79
C ALA A 217 -8.13 10.59 21.48
N LEU A 218 -8.58 11.27 20.42
CA LEU A 218 -10.00 11.39 20.11
C LEU A 218 -10.56 10.47 19.05
N GLY A 219 -9.71 9.85 18.21
CA GLY A 219 -10.18 9.01 17.12
C GLY A 219 -10.99 9.70 16.02
N GLU A 220 -10.81 11.00 15.86
CA GLU A 220 -11.56 11.81 14.93
C GLU A 220 -10.89 11.88 13.55
N PHE A 221 -9.57 11.94 13.58
CA PHE A 221 -8.67 12.10 12.47
C PHE A 221 -7.93 10.79 12.26
N ALA A 222 -7.44 10.57 11.04
CA ALA A 222 -6.58 9.42 10.75
C ALA A 222 -5.43 9.35 11.78
N PRO A 223 -5.10 8.16 12.30
CA PRO A 223 -5.70 6.83 12.00
C PRO A 223 -6.93 6.39 12.83
N GLY A 224 -7.61 7.29 13.52
CA GLY A 224 -8.87 6.94 14.22
C GLY A 224 -8.68 6.11 15.50
N ARG A 225 -7.77 6.58 16.36
CA ARG A 225 -7.26 5.83 17.51
C ARG A 225 -7.59 6.55 18.76
N GLY A 226 -8.00 5.81 19.78
CA GLY A 226 -8.02 6.33 21.16
C GLY A 226 -9.35 6.74 21.76
N GLY A 227 -10.40 6.83 20.95
CA GLY A 227 -11.76 7.16 21.43
C GLY A 227 -12.61 5.90 21.64
N LYS A 228 -13.87 6.08 22.02
CA LYS A 228 -14.68 4.96 22.45
C LYS A 228 -14.89 4.02 21.28
N GLY A 229 -14.46 2.76 21.42
CA GLY A 229 -14.54 1.75 20.32
C GLY A 229 -13.32 1.69 19.40
N ASP A 230 -12.36 2.59 19.60
CA ASP A 230 -11.19 2.61 18.73
C ASP A 230 -10.09 1.74 19.34
N GLU A 231 -9.22 1.20 18.50
CA GLU A 231 -7.95 0.72 19.03
C GLU A 231 -7.21 1.91 19.69
N GLY A 232 -6.25 1.58 20.56
CA GLY A 232 -5.30 2.56 21.06
C GLY A 232 -5.48 2.80 22.52
N ASP A 233 -4.77 3.80 23.02
CA ASP A 233 -4.82 4.25 24.40
C ASP A 233 -4.59 5.81 24.36
N PRO A 234 -5.64 6.57 24.70
CA PRO A 234 -5.53 7.99 24.66
C PRO A 234 -4.62 8.54 25.76
N ALA A 235 -4.26 7.74 26.75
CA ALA A 235 -3.27 8.20 27.74
C ALA A 235 -1.80 8.00 27.38
N ILE A 236 -1.53 7.11 26.44
CA ILE A 236 -0.14 6.80 26.03
C ILE A 236 0.23 7.38 24.64
N GLU A 237 -0.61 7.08 23.67
CA GLU A 237 -0.27 7.19 22.29
C GLU A 237 0.00 8.63 21.83
N PRO A 238 -0.85 9.61 22.26
CA PRO A 238 -0.57 10.99 21.92
C PRO A 238 0.82 11.45 22.33
N TYR A 239 1.34 10.92 23.44
CA TYR A 239 2.66 11.38 23.89
C TYR A 239 3.79 10.69 23.11
N VAL A 240 3.60 9.44 22.75
CA VAL A 240 4.63 8.70 22.04
C VAL A 240 4.74 9.40 20.68
N VAL A 241 3.59 9.71 20.08
CA VAL A 241 3.51 10.21 18.70
C VAL A 241 4.18 11.57 18.62
N THR A 242 3.91 12.46 19.58
CA THR A 242 4.57 13.79 19.67
C THR A 242 6.08 13.75 19.94
N HIS A 243 6.54 12.83 20.75
CA HIS A 243 7.97 12.57 20.89
C HIS A 243 8.63 12.19 19.58
N ASN A 244 8.07 11.21 18.86
CA ASN A 244 8.56 10.82 17.54
C ASN A 244 8.50 11.89 16.45
N ILE A 245 7.58 12.86 16.59
CA ILE A 245 7.47 14.05 15.69
C ILE A 245 8.62 15.02 15.93
N LEU A 246 8.82 15.40 17.18
CA LEU A 246 9.95 16.21 17.57
C LEU A 246 11.31 15.61 17.17
N LEU A 247 11.50 14.29 17.25
CA LEU A 247 12.77 13.66 16.79
C LEU A 247 12.81 13.65 15.26
N ALA A 248 11.72 13.24 14.63
CA ALA A 248 11.60 13.36 13.17
C ALA A 248 11.89 14.82 12.72
N HIS A 249 11.28 15.79 13.44
CA HIS A 249 11.40 17.19 13.10
C HIS A 249 12.84 17.54 13.07
N LYS A 250 13.53 17.15 14.13
CA LYS A 250 14.94 17.51 14.34
C LYS A 250 15.84 16.89 13.27
N ALA A 251 15.67 15.61 12.92
CA ALA A 251 16.54 15.03 11.91
C ALA A 251 16.44 15.86 10.60
N ALA A 252 15.24 16.20 10.19
CA ALA A 252 15.05 16.91 8.93
C ALA A 252 15.70 18.30 8.94
N VAL A 253 15.65 18.96 10.09
CA VAL A 253 16.16 20.30 10.28
C VAL A 253 17.72 20.27 10.24
N GLU A 254 18.31 19.21 10.81
CA GLU A 254 19.73 18.98 10.77
C GLU A 254 20.18 18.57 9.36
N GLU A 255 19.53 17.58 8.75
CA GLU A 255 19.64 17.44 7.29
C GLU A 255 19.74 18.76 6.53
N TYR A 256 18.79 19.67 6.77
CA TYR A 256 18.73 20.86 5.97
C TYR A 256 19.90 21.84 6.31
N ARG A 257 20.10 22.22 7.59
CA ARG A 257 21.17 23.13 7.99
C ARG A 257 22.54 22.56 7.58
N ASN A 258 22.77 21.28 7.85
CA ASN A 258 24.06 20.72 7.48
C ASN A 258 24.25 20.46 6.00
N LYS A 259 23.23 19.97 5.27
CA LYS A 259 23.47 19.63 3.86
C LYS A 259 22.78 20.48 2.73
N PHE A 260 21.92 21.44 3.03
CA PHE A 260 21.22 22.13 1.97
C PHE A 260 21.11 23.61 2.13
N GLN A 261 21.27 24.14 3.36
CA GLN A 261 20.87 25.54 3.63
C GLN A 261 21.91 26.63 3.17
N LYS A 262 23.16 26.25 3.13
CA LYS A 262 24.15 27.11 2.55
C LYS A 262 23.95 27.22 1.03
N CYS A 263 23.78 26.13 0.28
CA CYS A 263 23.57 26.27 -1.19
C CYS A 263 22.19 26.83 -1.61
N GLN A 264 21.13 26.28 -1.03
CA GLN A 264 19.76 26.63 -1.43
C GLN A 264 19.29 27.98 -0.80
N GLU A 265 20.04 28.51 0.18
CA GLU A 265 19.75 29.78 0.91
C GLU A 265 18.29 29.93 1.40
N GLY A 266 17.67 28.82 1.78
CA GLY A 266 16.36 28.82 2.41
C GLY A 266 16.34 28.65 3.93
N GLU A 267 15.16 28.38 4.47
CA GLU A 267 14.95 28.42 5.92
C GLU A 267 13.88 27.39 6.25
N ILE A 268 13.98 26.75 7.44
CA ILE A 268 13.17 25.61 7.85
C ILE A 268 12.61 25.80 9.24
N GLY A 269 11.37 25.40 9.43
CA GLY A 269 10.67 25.69 10.65
C GLY A 269 9.52 24.73 10.82
N ILE A 270 8.67 25.07 11.78
CA ILE A 270 7.58 24.16 12.10
C ILE A 270 6.27 24.91 12.29
N VAL A 271 5.14 24.30 11.93
CA VAL A 271 3.85 25.00 12.17
C VAL A 271 3.06 24.53 13.38
N LEU A 272 2.96 25.47 14.35
CA LEU A 272 2.28 25.27 15.62
C LEU A 272 0.95 26.03 15.61
N ASN A 273 -0.07 25.36 16.11
CA ASN A 273 -1.38 25.94 16.30
C ASN A 273 -1.58 26.13 17.76
N SER A 274 -2.40 27.13 18.12
CA SER A 274 -2.96 27.22 19.46
C SER A 274 -4.19 28.13 19.49
N MET A 275 -5.10 27.91 20.43
CA MET A 275 -6.13 28.91 20.71
C MET A 275 -5.43 29.84 21.67
N TRP A 276 -5.90 31.09 21.82
CA TRP A 276 -5.49 31.88 22.97
C TRP A 276 -6.33 31.38 24.13
N MET A 277 -5.78 31.47 25.35
CA MET A 277 -6.44 30.98 26.55
C MET A 277 -6.64 32.15 27.51
N GLU A 278 -7.85 32.70 27.62
CA GLU A 278 -8.14 33.78 28.59
C GLU A 278 -8.57 33.23 29.92
N PRO A 279 -7.99 33.76 31.02
CA PRO A 279 -8.50 33.40 32.35
C PRO A 279 -10.00 33.73 32.45
N LEU A 280 -10.87 32.78 32.83
CA LEU A 280 -12.31 33.09 33.04
C LEU A 280 -12.50 34.30 34.00
N SER A 281 -11.76 34.28 35.13
CA SER A 281 -11.63 35.45 36.04
C SER A 281 -10.17 35.75 36.48
N ASP A 282 -9.98 36.86 37.16
CA ASP A 282 -8.62 37.28 37.50
C ASP A 282 -8.18 36.81 38.90
N VAL A 283 -8.42 35.52 39.14
CA VAL A 283 -7.98 34.86 40.35
C VAL A 283 -6.84 33.92 39.90
N GLN A 284 -5.84 33.78 40.75
CA GLN A 284 -4.67 32.93 40.49
C GLN A 284 -5.05 31.53 39.95
N ALA A 285 -6.07 30.87 40.49
CA ALA A 285 -6.43 29.51 40.01
C ALA A 285 -6.56 29.49 38.45
N ASP A 286 -7.08 30.59 37.92
CA ASP A 286 -7.32 30.71 36.49
C ASP A 286 -6.08 31.14 35.70
N ILE A 287 -5.20 31.94 36.30
CA ILE A 287 -3.89 32.18 35.66
C ILE A 287 -3.13 30.86 35.53
N ASP A 288 -3.09 30.04 36.60
CA ASP A 288 -2.46 28.69 36.62
C ASP A 288 -3.07 27.79 35.53
N ALA A 289 -4.39 27.85 35.38
CA ALA A 289 -5.06 27.20 34.26
C ALA A 289 -4.57 27.69 32.86
N GLN A 290 -4.55 28.98 32.61
CA GLN A 290 -4.09 29.47 31.33
C GLN A 290 -2.73 28.86 31.04
N LYS A 291 -1.85 28.91 32.03
CA LYS A 291 -0.44 28.56 31.82
C LYS A 291 -0.34 27.08 31.59
N ARG A 292 -1.18 26.27 32.24
CA ARG A 292 -1.23 24.82 31.89
C ARG A 292 -1.88 24.52 30.51
N ALA A 293 -2.98 25.22 30.17
CA ALA A 293 -3.69 25.01 28.89
C ALA A 293 -2.79 25.38 27.70
N LEU A 294 -2.13 26.52 27.76
CA LEU A 294 -1.14 26.87 26.77
C LEU A 294 0.00 25.85 26.70
N ASP A 295 0.46 25.42 27.87
CA ASP A 295 1.57 24.47 28.00
C ASP A 295 1.30 23.17 27.35
N PHE A 296 0.10 22.62 27.55
CA PHE A 296 -0.24 21.33 26.95
C PHE A 296 -0.46 21.49 25.44
N MET A 297 -0.79 22.70 24.97
CA MET A 297 -1.08 22.88 23.55
C MET A 297 0.12 23.43 22.81
N LEU A 298 0.72 24.52 23.31
CA LEU A 298 1.85 25.17 22.59
C LEU A 298 3.23 24.76 23.16
N GLY A 299 3.32 24.62 24.48
CA GLY A 299 4.62 24.30 25.10
C GLY A 299 5.11 22.90 24.80
N TRP A 300 4.16 22.00 24.53
CA TRP A 300 4.41 20.60 24.27
C TRP A 300 5.44 20.42 23.16
N PHE A 301 5.45 21.35 22.20
CA PHE A 301 6.42 21.31 21.10
C PHE A 301 7.51 22.40 21.26
N LEU A 302 7.08 23.57 21.69
CA LEU A 302 7.90 24.77 21.82
C LEU A 302 8.84 24.76 23.02
N GLU A 303 8.51 24.01 24.06
CA GLU A 303 9.52 23.91 25.15
C GLU A 303 10.61 22.90 24.80
N PRO A 304 10.29 21.79 24.11
CA PRO A 304 11.50 21.12 23.62
C PRO A 304 12.44 22.02 22.77
N LEU A 305 11.89 22.89 21.92
CA LEU A 305 12.69 23.60 20.94
C LEU A 305 13.35 24.86 21.51
N THR A 306 13.08 25.14 22.79
CA THR A 306 13.64 26.29 23.50
C THR A 306 14.66 25.80 24.53
N THR A 307 14.25 24.86 25.40
CA THR A 307 15.14 24.33 26.46
C THR A 307 15.52 22.84 26.38
N GLY A 308 14.83 22.07 25.55
CA GLY A 308 15.13 20.66 25.38
C GLY A 308 14.47 19.75 26.40
N ASP A 309 13.37 20.19 27.02
CA ASP A 309 12.54 19.31 27.87
C ASP A 309 11.09 19.80 27.68
N TYR A 310 10.11 18.96 28.03
CA TYR A 310 8.72 19.37 28.01
C TYR A 310 8.46 20.44 29.12
N PRO A 311 7.29 21.08 29.10
CA PRO A 311 7.12 22.10 30.15
C PRO A 311 7.07 21.45 31.55
N LYS A 312 7.40 22.24 32.59
CA LYS A 312 7.18 21.88 33.98
C LYS A 312 5.88 21.10 34.20
N SER A 313 4.75 21.76 33.96
CA SER A 313 3.44 21.21 34.31
C SER A 313 3.11 19.94 33.56
N MET A 314 3.70 19.71 32.37
CA MET A 314 3.47 18.44 31.69
C MET A 314 4.22 17.31 32.40
N ARG A 315 5.45 17.60 32.83
CA ARG A 315 6.24 16.60 33.60
C ARG A 315 5.56 16.26 34.93
N GLU A 316 5.05 17.28 35.66
CA GLU A 316 4.34 17.08 36.95
C GLU A 316 3.20 16.07 36.82
N LEU A 317 2.35 16.34 35.83
CA LEU A 317 1.02 15.78 35.73
C LEU A 317 0.93 14.54 34.85
N VAL A 318 1.76 14.44 33.81
CA VAL A 318 1.75 13.22 32.97
C VAL A 318 2.82 12.17 33.41
N LYS A 319 3.88 12.64 34.11
CA LYS A 319 4.82 11.75 34.81
C LYS A 319 5.41 10.68 33.88
N GLY A 320 5.34 9.41 34.29
CA GLY A 320 5.94 8.30 33.55
C GLY A 320 5.32 8.12 32.18
N ARG A 321 4.23 8.83 31.93
CA ARG A 321 3.56 8.66 30.66
C ARG A 321 4.11 9.67 29.66
N LEU A 322 5.14 10.45 30.04
CA LEU A 322 5.79 11.39 29.12
C LEU A 322 7.25 10.99 28.82
N PRO A 323 7.60 10.71 27.56
CA PRO A 323 8.94 10.13 27.37
C PRO A 323 10.04 11.11 27.65
N LYS A 324 11.23 10.60 27.94
CA LYS A 324 12.35 11.46 28.22
C LYS A 324 13.21 11.64 26.98
N PHE A 325 13.90 12.77 26.88
CA PHE A 325 14.86 12.98 25.84
C PHE A 325 16.21 12.48 26.37
N SER A 326 17.04 11.87 25.50
CA SER A 326 18.43 11.67 25.83
C SER A 326 19.09 13.05 26.06
N ALA A 327 20.32 13.07 26.58
CA ALA A 327 21.04 14.32 26.79
C ALA A 327 21.48 14.90 25.44
N ASP A 328 21.66 13.99 24.49
CA ASP A 328 22.01 14.42 23.14
C ASP A 328 20.79 14.96 22.40
N ASP A 329 19.62 14.36 22.58
CA ASP A 329 18.47 14.86 21.78
C ASP A 329 18.01 16.17 22.39
N SER A 330 18.05 16.22 23.72
CA SER A 330 17.75 17.44 24.48
C SER A 330 18.60 18.63 24.06
N GLU A 331 19.91 18.48 24.04
CA GLU A 331 20.84 19.56 23.64
C GLU A 331 20.67 19.95 22.15
N LYS A 332 20.55 18.96 21.28
CA LYS A 332 20.32 19.22 19.87
C LYS A 332 18.92 19.82 19.51
N LEU A 333 17.91 19.58 20.36
CA LEU A 333 16.60 20.26 20.22
C LEU A 333 16.53 21.76 20.54
N LYS A 334 17.46 22.30 21.33
CA LYS A 334 17.43 23.74 21.68
C LYS A 334 17.59 24.45 20.37
N GLY A 335 16.72 25.42 20.08
CA GLY A 335 16.88 26.25 18.87
C GLY A 335 16.65 25.56 17.53
N CYS A 336 16.10 24.35 17.53
CA CYS A 336 15.98 23.53 16.31
C CYS A 336 14.90 23.97 15.27
N TYR A 337 14.99 25.21 14.78
CA TYR A 337 14.05 25.73 13.81
C TYR A 337 14.54 27.13 13.47
N ASP A 338 14.17 27.61 12.28
CA ASP A 338 14.58 28.94 11.80
C ASP A 338 13.42 29.91 11.98
N PHE A 339 12.21 29.37 12.08
CA PHE A 339 10.95 30.11 12.31
C PHE A 339 9.90 29.22 12.90
N ILE A 340 9.01 29.83 13.68
CA ILE A 340 7.79 29.21 14.10
C ILE A 340 6.63 29.79 13.29
N GLY A 341 5.93 28.90 12.59
CA GLY A 341 4.60 29.11 12.03
C GLY A 341 3.47 28.89 13.03
N MET A 342 2.57 29.84 13.03
CA MET A 342 1.52 29.90 14.02
C MET A 342 0.19 29.91 13.30
N ASN A 343 -0.63 28.89 13.52
CA ASN A 343 -2.03 28.84 13.05
C ASN A 343 -2.95 29.22 14.18
N TYR A 344 -3.97 30.02 13.87
CA TYR A 344 -4.86 30.64 14.88
C TYR A 344 -6.28 30.84 14.29
N TYR A 345 -7.24 30.23 14.97
CA TYR A 345 -8.64 30.33 14.64
C TYR A 345 -9.40 31.08 15.75
N THR A 346 -9.12 30.79 17.01
CA THR A 346 -9.99 31.29 18.07
C THR A 346 -9.41 31.32 19.52
N ALA A 347 -10.19 31.89 20.44
CA ALA A 347 -9.82 31.90 21.81
C ALA A 347 -10.96 31.30 22.64
N THR A 348 -10.62 30.70 23.78
CA THR A 348 -11.62 30.20 24.73
C THR A 348 -11.32 30.73 26.10
N TYR A 349 -12.30 30.73 27.00
CA TYR A 349 -11.99 30.98 28.43
C TYR A 349 -11.53 29.68 29.13
N VAL A 350 -10.81 29.89 30.21
CA VAL A 350 -10.07 28.83 30.87
C VAL A 350 -10.18 28.99 32.40
N THR A 351 -10.53 27.89 33.08
CA THR A 351 -10.51 27.80 34.54
C THR A 351 -10.14 26.36 35.02
N ASN A 352 -9.86 26.18 36.34
CA ASN A 352 -9.34 24.90 36.92
C ASN A 352 -10.46 23.86 36.84
N ALA A 353 -10.12 22.58 36.66
CA ALA A 353 -11.13 21.52 36.51
C ALA A 353 -11.53 20.84 37.82
N VAL A 354 -12.54 19.94 37.77
CA VAL A 354 -13.03 19.18 38.94
C VAL A 354 -12.34 17.81 39.10
N LYS A 360 -10.52 7.40 33.97
CA LYS A 360 -9.97 7.12 32.66
C LYS A 360 -8.92 8.19 32.44
N LEU A 361 -7.67 7.75 32.26
CA LEU A 361 -6.62 8.71 31.96
C LEU A 361 -6.75 9.00 30.47
N SER A 362 -6.50 10.27 30.10
CA SER A 362 -6.44 10.67 28.70
C SER A 362 -5.63 11.94 28.52
N TYR A 363 -4.98 12.11 27.38
CA TYR A 363 -4.41 13.42 27.02
C TYR A 363 -5.43 14.54 27.16
N GLU A 364 -6.70 14.26 26.89
CA GLU A 364 -7.72 15.29 26.94
C GLU A 364 -7.99 15.82 28.31
N THR A 365 -7.86 14.96 29.33
CA THR A 365 -8.03 15.41 30.72
C THR A 365 -6.71 15.82 31.45
N ASP A 366 -5.55 15.49 30.88
CA ASP A 366 -4.28 15.62 31.59
C ASP A 366 -3.94 17.05 31.99
N ASP A 367 -4.14 18.06 31.15
CA ASP A 367 -3.91 19.47 31.62
C ASP A 367 -5.00 19.58 32.66
N GLN A 368 -5.11 20.58 33.48
CA GLN A 368 -6.35 20.29 34.29
C GLN A 368 -7.38 21.37 34.12
N VAL A 369 -7.78 21.58 32.88
CA VAL A 369 -8.34 22.85 32.52
C VAL A 369 -9.71 22.61 31.93
N THR A 370 -10.72 23.31 32.46
CA THR A 370 -11.99 23.27 31.79
C THR A 370 -11.99 24.47 30.84
N LYS A 371 -12.52 24.22 29.65
CA LYS A 371 -12.57 25.28 28.66
C LYS A 371 -14.05 25.58 28.44
N THR A 372 -14.39 26.86 28.39
CA THR A 372 -15.73 27.29 28.07
C THR A 372 -15.60 28.52 27.21
N PHE A 373 -16.55 28.71 26.29
CA PHE A 373 -16.57 29.85 25.34
C PHE A 373 -17.40 31.01 25.90
N GLU A 374 -18.06 30.78 27.06
CA GLU A 374 -18.89 31.80 27.73
C GLU A 374 -18.33 32.38 29.04
N ARG A 375 -18.67 33.63 29.35
CA ARG A 375 -18.28 34.21 30.62
C ARG A 375 -19.42 34.29 31.65
N ASN A 376 -20.33 35.21 31.42
CA ASN A 376 -21.54 35.26 32.24
C ASN A 376 -22.68 35.05 31.26
N GLN A 377 -22.67 33.87 30.65
CA GLN A 377 -23.49 33.53 29.51
C GLN A 377 -23.21 34.38 28.26
N LYS A 378 -22.16 35.21 28.33
CA LYS A 378 -21.75 36.13 27.22
C LYS A 378 -20.52 35.55 26.46
N PRO A 379 -20.69 35.16 25.17
CA PRO A 379 -19.57 34.54 24.41
C PRO A 379 -18.41 35.51 24.25
N ILE A 380 -17.24 34.97 24.03
CA ILE A 380 -16.00 35.75 23.97
C ILE A 380 -15.82 36.47 22.62
N GLY A 381 -16.55 35.98 21.61
CA GLY A 381 -16.79 36.71 20.38
C GLY A 381 -17.88 35.98 19.62
N HIS A 382 -18.22 36.50 18.44
CA HIS A 382 -19.29 35.94 17.60
C HIS A 382 -19.06 34.47 17.23
N ALA A 383 -20.09 33.65 17.38
CA ALA A 383 -20.02 32.17 17.18
C ALA A 383 -20.23 31.75 15.72
N LEU A 384 -19.28 31.05 15.11
CA LEU A 384 -19.39 30.75 13.66
C LEU A 384 -20.07 29.44 13.50
N TYR A 385 -20.23 29.00 12.27
CA TYR A 385 -21.09 27.84 11.89
C TYR A 385 -21.04 26.57 12.72
N GLY A 386 -19.88 25.97 12.93
CA GLY A 386 -19.99 24.71 13.67
C GLY A 386 -20.04 24.85 15.18
N GLY A 387 -20.01 26.07 15.71
CA GLY A 387 -20.01 26.22 17.15
C GLY A 387 -18.67 26.30 17.86
N TRP A 388 -17.57 26.02 17.18
CA TRP A 388 -16.29 25.99 17.87
C TRP A 388 -15.62 27.34 17.69
N GLN A 389 -15.50 27.77 16.42
CA GLN A 389 -14.83 29.02 16.12
C GLN A 389 -15.62 30.27 16.51
N HIS A 390 -14.97 31.14 17.26
CA HIS A 390 -15.56 32.37 17.69
C HIS A 390 -14.64 33.42 17.19
N VAL A 391 -15.17 34.44 16.50
CA VAL A 391 -14.23 35.43 16.03
C VAL A 391 -13.71 36.22 17.21
N VAL A 392 -12.40 36.08 17.48
CA VAL A 392 -11.70 36.81 18.58
C VAL A 392 -10.32 37.49 18.22
N PRO A 393 -10.33 38.65 17.52
CA PRO A 393 -9.10 39.06 16.89
C PRO A 393 -7.97 39.21 17.89
N TRP A 394 -8.29 39.82 19.04
CA TRP A 394 -7.29 40.13 20.10
C TRP A 394 -6.73 38.82 20.67
N GLY A 395 -7.38 37.70 20.37
CA GLY A 395 -6.78 36.39 20.62
C GLY A 395 -5.45 36.17 19.92
N LEU A 396 -5.31 36.67 18.68
CA LEU A 396 -4.09 36.57 17.90
C LEU A 396 -2.95 37.36 18.51
N TYR A 397 -3.23 38.67 18.76
CA TYR A 397 -2.33 39.59 19.41
C TYR A 397 -1.79 38.90 20.64
N LYS A 398 -2.66 38.58 21.59
CA LYS A 398 -2.15 38.00 22.79
C LYS A 398 -1.34 36.76 22.54
N LEU A 399 -1.79 35.84 21.67
CA LEU A 399 -1.01 34.59 21.39
C LEU A 399 0.38 34.74 20.77
N LEU A 400 0.60 35.78 19.96
CA LEU A 400 1.92 36.22 19.43
C LEU A 400 2.85 36.96 20.41
N VAL A 401 2.27 37.83 21.29
CA VAL A 401 3.06 38.42 22.40
C VAL A 401 3.54 37.31 23.37
N TYR A 402 2.64 36.50 23.91
CA TYR A 402 2.98 35.32 24.69
C TYR A 402 4.08 34.39 24.11
N THR A 403 3.97 33.98 22.83
CA THR A 403 5.02 33.14 22.22
C THR A 403 6.41 33.82 22.26
N LYS A 404 6.47 35.14 22.15
CA LYS A 404 7.74 35.91 22.25
C LYS A 404 8.34 36.17 23.69
N GLU A 405 7.48 36.40 24.67
CA GLU A 405 7.96 36.53 26.03
C GLU A 405 8.23 35.13 26.68
N THR A 406 7.45 34.10 26.37
CA THR A 406 7.71 32.74 26.91
C THR A 406 8.90 31.98 26.23
N TYR A 407 9.05 32.13 24.91
CA TYR A 407 9.96 31.29 24.12
C TYR A 407 11.03 32.06 23.34
N HIS A 408 10.86 33.38 23.22
CA HIS A 408 11.82 34.19 22.48
C HIS A 408 12.12 33.57 21.10
N VAL A 409 11.06 33.47 20.31
CA VAL A 409 11.14 33.09 18.90
C VAL A 409 11.73 34.22 17.99
N PRO A 410 12.89 34.00 17.37
CA PRO A 410 13.31 35.11 16.50
C PRO A 410 12.33 35.46 15.35
N VAL A 411 11.74 34.47 14.69
CA VAL A 411 10.97 34.77 13.49
C VAL A 411 9.61 34.10 13.60
N LEU A 412 8.55 34.89 13.65
CA LEU A 412 7.19 34.38 13.64
C LEU A 412 6.51 34.53 12.25
N TYR A 413 5.61 33.64 11.92
CA TYR A 413 4.74 33.82 10.79
C TYR A 413 3.38 33.41 11.28
N VAL A 414 2.36 34.13 10.82
CA VAL A 414 1.03 33.62 10.92
C VAL A 414 0.69 32.83 9.65
N THR A 415 0.96 31.54 9.75
CA THR A 415 0.83 30.61 8.65
C THR A 415 -0.58 30.09 8.23
N GLU A 416 -1.55 30.10 9.16
CA GLU A 416 -3.00 29.90 8.89
C GLU A 416 -3.91 30.86 9.67
N SER A 417 -4.74 31.61 8.98
CA SER A 417 -5.67 32.53 9.63
C SER A 417 -6.86 32.60 8.68
N GLY A 418 -8.04 32.23 9.16
CA GLY A 418 -9.24 32.04 8.27
C GLY A 418 -10.54 31.83 9.03
N MET A 419 -11.67 31.94 8.34
CA MET A 419 -12.94 31.66 8.99
C MET A 419 -13.83 30.64 8.26
N VAL A 420 -14.47 29.82 9.08
CA VAL A 420 -15.40 28.87 8.63
C VAL A 420 -16.74 29.48 8.28
N GLU A 421 -17.35 28.92 7.24
CA GLU A 421 -18.65 29.35 6.72
C GLU A 421 -19.35 28.05 6.42
N GLU A 422 -20.68 28.03 6.58
CA GLU A 422 -21.51 26.85 6.22
C GLU A 422 -21.56 26.58 4.70
N ASN A 423 -21.40 25.32 4.31
CA ASN A 423 -21.77 24.93 2.93
C ASN A 423 -23.29 24.77 2.65
N LYS A 424 -23.89 25.84 2.20
CA LYS A 424 -25.31 26.02 2.03
C LYS A 424 -25.60 25.64 0.64
N THR A 425 -26.21 24.50 0.48
CA THR A 425 -26.57 24.02 -0.84
C THR A 425 -27.90 24.77 -1.02
N LYS A 426 -28.47 24.89 -2.18
CA LYS A 426 -29.77 25.64 -2.21
C LYS A 426 -29.68 27.18 -2.28
N ILE A 427 -28.47 27.74 -2.28
CA ILE A 427 -28.34 29.15 -2.70
C ILE A 427 -27.53 29.30 -4.00
N LEU A 428 -27.79 30.43 -4.67
CA LEU A 428 -27.05 30.80 -5.85
C LEU A 428 -25.61 31.25 -5.54
N LEU A 429 -24.68 30.86 -6.41
CA LEU A 429 -23.27 31.25 -6.30
C LEU A 429 -23.15 32.75 -6.08
N SER A 430 -24.07 33.51 -6.60
CA SER A 430 -24.09 34.97 -6.45
C SER A 430 -24.22 35.48 -4.99
N GLU A 431 -25.00 34.77 -4.17
CA GLU A 431 -25.13 35.07 -2.75
C GLU A 431 -23.97 34.43 -2.00
N ALA A 432 -23.67 33.16 -2.26
CA ALA A 432 -22.52 32.46 -1.61
C ALA A 432 -21.20 33.21 -1.70
N ARG A 433 -20.86 33.72 -2.88
CA ARG A 433 -19.77 34.71 -3.17
C ARG A 433 -19.56 35.93 -2.24
N ARG A 434 -20.63 36.50 -1.71
CA ARG A 434 -20.51 37.80 -1.02
C ARG A 434 -20.27 37.53 0.45
N ASP A 435 -19.05 37.20 0.80
CA ASP A 435 -18.72 36.76 2.15
C ASP A 435 -18.12 37.92 2.89
N ALA A 436 -18.91 38.99 3.05
CA ALA A 436 -18.46 40.17 3.77
C ALA A 436 -17.90 39.80 5.15
N GLU A 437 -18.51 38.84 5.82
CA GLU A 437 -18.05 38.48 7.15
C GLU A 437 -16.56 37.98 7.12
N ARG A 438 -16.14 37.28 6.07
CA ARG A 438 -14.73 36.85 5.95
C ARG A 438 -13.77 38.01 5.76
N THR A 439 -14.11 38.95 4.87
CA THR A 439 -13.33 40.22 4.71
C THR A 439 -13.20 41.04 5.98
N ASP A 440 -14.25 41.08 6.79
CA ASP A 440 -14.10 41.79 8.06
C ASP A 440 -13.20 41.01 9.06
N TYR A 441 -13.35 39.67 9.06
CA TYR A 441 -12.54 38.73 9.83
C TYR A 441 -11.04 39.01 9.61
N HIS A 442 -10.59 38.84 8.35
CA HIS A 442 -9.19 39.07 8.05
C HIS A 442 -8.78 40.45 8.37
N GLN A 443 -9.58 41.48 8.05
CA GLN A 443 -9.23 42.87 8.44
C GLN A 443 -8.83 42.98 9.93
N LYS A 444 -9.77 42.64 10.81
CA LYS A 444 -9.52 42.62 12.27
C LYS A 444 -8.31 41.81 12.76
N HIS A 445 -7.97 40.71 12.15
CA HIS A 445 -6.86 39.88 12.58
C HIS A 445 -5.57 40.45 12.11
N LEU A 446 -5.61 41.16 10.99
CA LEU A 446 -4.42 41.88 10.51
C LEU A 446 -4.17 43.11 11.40
N ALA A 447 -5.26 43.67 11.90
CA ALA A 447 -5.21 44.68 12.93
C ALA A 447 -4.42 44.04 14.05
N SER A 448 -4.93 43.07 14.75
CA SER A 448 -4.07 42.43 15.77
C SER A 448 -2.63 42.05 15.37
N VAL A 449 -2.43 41.60 14.13
CA VAL A 449 -1.11 41.19 13.68
C VAL A 449 -0.20 42.41 13.56
N ARG A 450 -0.73 43.51 13.01
CA ARG A 450 -0.07 44.85 13.07
C ARG A 450 0.22 45.37 14.49
N ASP A 451 -0.70 45.15 15.42
CA ASP A 451 -0.51 45.59 16.81
C ASP A 451 0.67 44.84 17.46
N ALA A 452 0.75 43.52 17.22
CA ALA A 452 1.88 42.71 17.71
C ALA A 452 3.25 43.17 17.13
N ILE A 453 3.25 43.55 15.86
CA ILE A 453 4.48 44.05 15.24
C ILE A 453 4.86 45.37 15.90
N ASP A 454 3.88 46.24 16.15
CA ASP A 454 4.17 47.53 16.80
C ASP A 454 4.74 47.39 18.22
N ASP A 455 4.37 46.31 18.92
CA ASP A 455 4.88 45.95 20.30
C ASP A 455 6.08 44.99 20.30
N GLY A 456 6.73 44.84 19.13
CA GLY A 456 8.08 44.25 19.05
C GLY A 456 8.14 42.78 18.64
N VAL A 457 6.99 42.17 18.46
CA VAL A 457 6.96 40.80 17.97
C VAL A 457 7.37 40.75 16.49
N ASN A 458 8.49 40.09 16.18
CA ASN A 458 9.02 39.99 14.80
C ASN A 458 8.30 38.97 13.89
N VAL A 459 6.99 39.18 13.69
CA VAL A 459 6.09 38.44 12.80
C VAL A 459 6.38 38.93 11.36
N LYS A 460 6.61 37.99 10.43
CA LYS A 460 7.12 38.36 9.10
C LYS A 460 6.14 37.97 7.99
N GLY A 461 4.96 37.48 8.37
CA GLY A 461 4.01 37.07 7.36
C GLY A 461 2.64 36.74 7.89
N TYR A 462 1.68 36.73 6.97
CA TYR A 462 0.26 36.39 7.18
C TYR A 462 -0.21 35.62 5.95
N PHE A 463 -0.82 34.48 6.21
CA PHE A 463 -1.24 33.57 5.17
C PHE A 463 -2.65 33.21 5.41
N VAL A 464 -3.52 33.79 4.60
CA VAL A 464 -4.93 33.37 4.57
C VAL A 464 -5.20 31.84 4.44
N TRP A 465 -5.80 31.22 5.46
CA TRP A 465 -6.15 29.82 5.32
C TRP A 465 -7.48 29.60 4.69
N SER A 466 -7.40 28.52 3.93
CA SER A 466 -7.80 28.20 2.61
C SER A 466 -7.81 29.28 1.57
N PHE A 467 -6.97 29.11 0.57
CA PHE A 467 -7.10 29.93 -0.60
C PHE A 467 -8.39 29.55 -1.28
N PHE A 468 -8.50 28.25 -1.56
CA PHE A 468 -9.61 27.57 -2.23
C PHE A 468 -10.46 26.92 -1.14
N ASP A 469 -11.77 26.73 -1.38
CA ASP A 469 -12.61 25.83 -0.61
C ASP A 469 -12.09 24.41 -0.74
N ASN A 470 -11.86 23.75 0.37
CA ASN A 470 -11.36 22.41 0.18
C ASN A 470 -12.01 21.29 1.03
N PHE A 471 -11.46 20.09 0.96
CA PHE A 471 -11.93 18.95 1.77
C PHE A 471 -11.59 19.27 3.20
N GLU A 472 -12.51 19.01 4.12
CA GLU A 472 -12.31 19.50 5.47
C GLU A 472 -12.15 18.44 6.55
N TRP A 473 -11.44 17.38 6.20
CA TRP A 473 -11.12 16.34 7.14
C TRP A 473 -12.40 15.60 7.67
N ASN A 474 -12.59 15.53 8.98
CA ASN A 474 -13.78 14.82 9.51
C ASN A 474 -15.13 15.48 9.18
N LEU A 475 -15.07 16.72 8.73
CA LEU A 475 -16.27 17.44 8.27
C LEU A 475 -16.50 17.38 6.74
N GLY A 476 -15.69 16.61 6.02
CA GLY A 476 -15.76 16.55 4.58
C GLY A 476 -16.00 17.88 3.89
N TYR A 477 -17.20 18.04 3.29
CA TYR A 477 -17.56 19.17 2.43
C TYR A 477 -18.69 20.06 2.98
N ILE A 478 -18.93 19.98 4.29
CA ILE A 478 -20.07 20.70 4.89
C ILE A 478 -19.73 22.15 5.24
N CYS A 479 -18.49 22.54 5.04
CA CYS A 479 -18.16 23.92 5.24
C CYS A 479 -17.13 24.39 4.24
N ARG A 480 -16.65 25.62 4.39
CA ARG A 480 -15.78 26.30 3.47
C ARG A 480 -14.99 27.29 4.25
N TYR A 481 -13.72 27.48 3.88
CA TYR A 481 -12.80 28.46 4.52
C TYR A 481 -12.19 29.36 3.45
N GLY A 482 -12.49 29.05 2.18
CA GLY A 482 -11.80 29.64 1.02
C GLY A 482 -12.07 31.11 0.78
N ILE A 483 -11.17 31.80 0.03
CA ILE A 483 -11.46 33.13 -0.53
C ILE A 483 -11.82 33.05 -2.01
N ILE A 484 -11.57 31.88 -2.58
CA ILE A 484 -12.05 31.41 -3.89
C ILE A 484 -13.05 30.26 -3.65
N HIS A 485 -14.19 30.34 -4.32
CA HIS A 485 -15.24 29.36 -4.17
C HIS A 485 -15.01 28.16 -5.10
N VAL A 486 -15.25 26.96 -4.61
CA VAL A 486 -15.16 25.81 -5.47
C VAL A 486 -16.48 25.04 -5.46
N ASP A 487 -17.06 24.78 -6.63
CA ASP A 487 -18.23 23.87 -6.68
C ASP A 487 -17.69 22.45 -6.47
N TYR A 488 -18.08 21.84 -5.36
CA TYR A 488 -17.30 20.70 -4.88
C TYR A 488 -17.42 19.56 -5.85
N LYS A 489 -18.49 19.57 -6.63
CA LYS A 489 -18.81 18.50 -7.57
C LYS A 489 -18.18 18.72 -8.96
N SER A 490 -18.45 19.89 -9.55
CA SER A 490 -17.94 20.26 -10.87
C SER A 490 -16.52 20.85 -10.88
N PHE A 491 -16.01 21.13 -9.70
CA PHE A 491 -14.70 21.72 -9.55
C PHE A 491 -14.56 23.17 -10.08
N GLU A 492 -15.60 23.83 -10.60
CA GLU A 492 -15.36 25.23 -11.05
C GLU A 492 -14.99 26.21 -9.95
N ARG A 493 -14.08 27.13 -10.30
CA ARG A 493 -13.55 28.12 -9.37
C ARG A 493 -14.14 29.52 -9.64
N TYR A 494 -14.40 30.27 -8.57
CA TYR A 494 -14.88 31.63 -8.72
C TYR A 494 -14.52 32.46 -7.47
N PRO A 495 -14.00 33.66 -7.66
CA PRO A 495 -13.51 34.44 -6.50
C PRO A 495 -14.65 34.97 -5.67
N LYS A 496 -14.56 34.85 -4.36
CA LYS A 496 -15.48 35.53 -3.47
C LYS A 496 -14.98 36.96 -3.41
N GLU A 497 -15.81 37.83 -2.83
CA GLU A 497 -15.43 39.20 -2.49
C GLU A 497 -14.22 39.34 -1.56
N SER A 498 -13.98 38.36 -0.68
CA SER A 498 -12.78 38.45 0.16
C SER A 498 -11.48 38.40 -0.65
N ALA A 499 -11.48 37.58 -1.72
CA ALA A 499 -10.32 37.52 -2.65
C ALA A 499 -9.98 38.90 -3.28
N ILE A 500 -11.04 39.64 -3.65
CA ILE A 500 -10.98 40.96 -4.24
C ILE A 500 -10.63 41.98 -3.16
N TRP A 501 -11.18 41.87 -1.97
CA TRP A 501 -10.60 42.67 -0.87
C TRP A 501 -9.10 42.36 -0.68
N TYR A 502 -8.75 41.08 -0.74
CA TYR A 502 -7.35 40.68 -0.57
C TYR A 502 -6.37 41.27 -1.68
N LYS A 503 -6.75 41.09 -2.95
CA LYS A 503 -6.07 41.67 -4.10
C LYS A 503 -5.80 43.10 -3.80
N ASN A 504 -6.84 43.85 -3.40
CA ASN A 504 -6.73 45.30 -3.12
C ASN A 504 -5.79 45.61 -1.99
N PHE A 505 -5.80 44.78 -0.96
CA PHE A 505 -4.98 45.02 0.22
C PHE A 505 -3.50 44.87 -0.08
N ILE A 506 -3.18 43.76 -0.74
CA ILE A 506 -1.85 43.35 -1.15
C ILE A 506 -1.21 44.39 -2.09
N ALA A 507 -2.04 45.06 -2.90
CA ALA A 507 -1.57 46.09 -3.83
C ALA A 507 -1.30 47.47 -3.20
N GLY A 508 -1.72 47.73 -1.94
CA GLY A 508 -1.47 49.02 -1.27
C GLY A 508 -0.02 49.51 -1.09
N VAL B 37 9.72 -39.17 -30.38
CA VAL B 37 8.82 -40.27 -31.01
C VAL B 37 7.45 -40.47 -30.33
N VAL B 38 6.88 -39.37 -29.86
CA VAL B 38 5.46 -39.18 -29.51
C VAL B 38 5.02 -38.09 -30.51
N HIS B 39 3.76 -38.13 -30.93
CA HIS B 39 3.27 -37.31 -32.02
C HIS B 39 1.84 -36.97 -31.71
N ARG B 40 1.40 -35.83 -32.24
CA ARG B 40 0.04 -35.31 -32.06
C ARG B 40 -1.04 -36.39 -32.20
N ARG B 41 -0.94 -37.23 -33.23
CA ARG B 41 -1.98 -38.21 -33.49
C ARG B 41 -2.22 -39.09 -32.26
N ASP B 42 -1.17 -39.41 -31.52
CA ASP B 42 -1.30 -40.21 -30.32
C ASP B 42 -2.21 -39.66 -29.19
N PHE B 43 -2.64 -38.41 -29.29
CA PHE B 43 -3.50 -37.78 -28.26
C PHE B 43 -4.89 -37.63 -28.85
N PRO B 44 -5.93 -37.53 -28.02
CA PRO B 44 -7.26 -37.43 -28.72
C PRO B 44 -7.50 -36.09 -29.46
N GLN B 45 -8.43 -36.15 -30.41
CA GLN B 45 -8.83 -34.95 -31.13
C GLN B 45 -8.96 -33.70 -30.21
N ASP B 46 -9.63 -33.83 -29.07
CA ASP B 46 -9.95 -32.62 -28.27
C ASP B 46 -8.96 -32.19 -27.13
N PHE B 47 -7.76 -32.76 -27.10
CA PHE B 47 -6.68 -32.36 -26.17
C PHE B 47 -6.14 -30.93 -26.46
N ILE B 48 -5.80 -30.17 -25.41
CA ILE B 48 -5.28 -28.82 -25.61
C ILE B 48 -3.80 -28.88 -25.41
N PHE B 49 -3.01 -28.11 -26.17
CA PHE B 49 -1.57 -27.94 -25.99
C PHE B 49 -1.21 -26.46 -25.87
N GLY B 50 -0.81 -26.06 -24.68
CA GLY B 50 -0.47 -24.70 -24.43
C GLY B 50 0.84 -24.49 -23.70
N ALA B 51 0.96 -23.31 -23.10
CA ALA B 51 2.08 -22.96 -22.27
C ALA B 51 1.58 -21.86 -21.38
N GLY B 52 2.40 -21.46 -20.39
CA GLY B 52 1.88 -20.52 -19.41
C GLY B 52 2.93 -19.62 -18.88
N GLY B 53 2.49 -18.61 -18.11
CA GLY B 53 3.31 -17.75 -17.28
C GLY B 53 2.55 -17.21 -16.05
N SER B 54 3.19 -16.40 -15.24
CA SER B 54 2.42 -15.74 -14.19
C SER B 54 2.68 -14.25 -14.18
N ALA B 55 1.81 -13.51 -13.49
CA ALA B 55 1.83 -12.05 -13.50
C ALA B 55 3.03 -11.44 -12.82
N TYR B 56 3.47 -11.98 -11.70
CA TYR B 56 4.58 -11.38 -11.02
C TYR B 56 5.92 -11.71 -11.73
N GLN B 57 6.02 -12.94 -12.21
CA GLN B 57 7.22 -13.37 -12.90
C GLN B 57 7.35 -12.72 -14.27
N CYS B 58 6.23 -12.46 -14.96
CA CYS B 58 6.28 -11.90 -16.29
C CYS B 58 6.06 -10.39 -16.42
N GLU B 59 5.12 -9.81 -15.70
CA GLU B 59 4.57 -8.52 -16.12
C GLU B 59 5.48 -7.26 -16.03
N GLY B 60 6.11 -7.02 -14.90
CA GLY B 60 6.88 -5.80 -14.73
C GLY B 60 5.94 -4.67 -14.43
N ALA B 61 6.40 -3.46 -14.71
CA ALA B 61 5.66 -2.25 -14.50
C ALA B 61 4.99 -2.29 -13.13
N TYR B 62 5.77 -2.69 -12.11
CA TYR B 62 5.28 -2.82 -10.71
C TYR B 62 4.65 -1.57 -10.14
N ASN B 63 5.22 -0.42 -10.49
CA ASN B 63 4.80 0.91 -10.07
C ASN B 63 4.25 1.77 -11.26
N GLU B 64 3.45 1.13 -12.14
CA GLU B 64 2.93 1.70 -13.40
C GLU B 64 1.47 1.35 -13.65
N GLY B 65 0.72 2.22 -14.32
CA GLY B 65 -0.70 2.11 -14.40
C GLY B 65 -1.39 1.78 -13.10
N ASN B 66 -0.89 2.37 -12.01
CA ASN B 66 -1.57 2.44 -10.70
C ASN B 66 -1.77 1.12 -9.94
N ARG B 67 -1.02 0.09 -10.35
CA ARG B 67 -0.84 -1.10 -9.55
C ARG B 67 -0.37 -0.78 -8.10
N GLY B 68 -1.04 -1.43 -7.15
CA GLY B 68 -0.57 -1.42 -5.77
C GLY B 68 0.45 -2.54 -5.55
N PRO B 69 1.36 -2.34 -4.59
CA PRO B 69 2.30 -3.43 -4.14
C PRO B 69 1.65 -4.83 -3.86
N SER B 70 2.30 -5.90 -4.26
CA SER B 70 2.03 -7.25 -3.74
C SER B 70 3.08 -7.60 -2.66
N ILE B 71 2.89 -8.75 -2.02
CA ILE B 71 3.83 -9.27 -0.99
C ILE B 71 5.16 -9.63 -1.64
N TRP B 72 5.09 -9.93 -2.92
CA TRP B 72 6.32 -10.26 -3.64
C TRP B 72 7.19 -9.06 -3.94
N ASP B 73 6.58 -7.92 -4.25
CA ASP B 73 7.29 -6.62 -4.29
C ASP B 73 7.98 -6.38 -2.98
N THR B 74 7.24 -6.43 -1.88
CA THR B 74 7.71 -6.18 -0.50
C THR B 74 8.87 -7.09 -0.03
N PHE B 75 8.69 -8.39 -0.15
CA PHE B 75 9.69 -9.44 0.10
C PHE B 75 11.05 -9.11 -0.62
N THR B 76 10.94 -8.77 -1.89
CA THR B 76 12.03 -8.70 -2.82
C THR B 76 12.77 -7.35 -2.67
N GLN B 77 12.05 -6.35 -2.13
CA GLN B 77 12.59 -5.02 -1.93
C GLN B 77 13.09 -4.77 -0.51
N ARG B 78 12.36 -5.24 0.49
CA ARG B 78 12.83 -5.24 1.88
C ARG B 78 13.84 -6.37 2.17
N SER B 79 13.75 -7.49 1.47
CA SER B 79 14.68 -8.61 1.70
C SER B 79 15.40 -9.06 0.47
N PRO B 80 16.17 -8.18 -0.18
CA PRO B 80 16.90 -8.72 -1.33
C PRO B 80 17.81 -9.95 -0.98
N ALA B 81 18.42 -10.03 0.23
CA ALA B 81 19.28 -11.23 0.57
C ALA B 81 18.50 -12.54 0.43
N LYS B 82 17.17 -12.46 0.55
CA LYS B 82 16.42 -13.66 0.48
C LYS B 82 16.34 -14.11 -0.97
N ILE B 83 16.91 -13.28 -1.84
CA ILE B 83 16.89 -13.54 -3.29
C ILE B 83 18.32 -13.79 -3.72
N SER B 84 18.47 -14.84 -4.51
CA SER B 84 19.75 -15.43 -4.77
C SER B 84 20.72 -14.46 -5.43
N ASP B 85 20.22 -13.55 -6.27
CA ASP B 85 21.03 -12.49 -6.91
C ASP B 85 20.56 -11.06 -6.48
N GLY B 86 19.73 -11.07 -5.42
CA GLY B 86 19.06 -9.90 -4.87
C GLY B 86 18.14 -9.16 -5.80
N SER B 87 17.80 -9.78 -6.93
CA SER B 87 16.89 -9.22 -7.95
C SER B 87 15.39 -9.27 -7.61
N ASN B 88 14.58 -8.75 -8.50
CA ASN B 88 13.16 -8.64 -8.23
C ASN B 88 12.37 -8.68 -9.53
N GLY B 89 11.04 -8.70 -9.40
CA GLY B 89 10.18 -8.55 -10.58
C GLY B 89 9.72 -7.12 -10.83
N ASN B 90 10.54 -6.12 -10.53
CA ASN B 90 10.16 -4.77 -10.91
C ASN B 90 9.83 -4.64 -12.40
N GLN B 91 10.74 -5.12 -13.25
CA GLN B 91 10.67 -5.00 -14.68
C GLN B 91 10.32 -6.38 -15.13
N ALA B 92 10.85 -7.38 -14.40
CA ALA B 92 10.66 -8.83 -14.68
C ALA B 92 11.05 -9.10 -16.14
N ILE B 93 10.18 -9.58 -17.02
CA ILE B 93 10.48 -9.55 -18.46
C ILE B 93 9.61 -8.64 -19.29
N ASN B 94 8.96 -7.69 -18.61
CA ASN B 94 8.26 -6.54 -19.23
C ASN B 94 7.05 -6.87 -20.12
N CYS B 95 6.30 -7.93 -19.78
CA CYS B 95 5.11 -8.34 -20.54
C CYS B 95 3.99 -7.33 -20.61
N TYR B 96 3.98 -6.35 -19.72
CA TYR B 96 2.87 -5.46 -19.65
C TYR B 96 3.00 -4.43 -20.77
N HIS B 97 4.25 -4.15 -21.17
CA HIS B 97 4.51 -3.25 -22.30
C HIS B 97 4.69 -4.01 -23.61
N MET B 98 5.05 -5.29 -23.53
CA MET B 98 5.39 -6.01 -24.74
C MET B 98 4.35 -7.07 -25.17
N TYR B 99 3.14 -6.97 -24.63
CA TYR B 99 2.19 -8.04 -24.83
C TYR B 99 1.82 -8.31 -26.29
N LYS B 100 1.85 -7.31 -27.17
CA LYS B 100 1.48 -7.56 -28.58
C LYS B 100 2.50 -8.46 -29.36
N GLU B 101 3.79 -8.13 -29.28
CA GLU B 101 4.90 -9.00 -29.64
C GLU B 101 4.87 -10.45 -28.99
N ASP B 102 4.75 -10.50 -27.68
CA ASP B 102 4.63 -11.74 -26.93
C ASP B 102 3.55 -12.61 -27.46
N ILE B 103 2.43 -12.02 -27.87
CA ILE B 103 1.30 -12.84 -28.40
C ILE B 103 1.58 -13.27 -29.84
N LYS B 104 2.20 -12.37 -30.60
CA LYS B 104 2.78 -12.73 -31.90
C LYS B 104 3.66 -14.05 -31.78
N ILE B 105 4.53 -14.15 -30.77
CA ILE B 105 5.43 -15.26 -30.58
C ILE B 105 4.65 -16.50 -30.15
N MET B 106 3.65 -16.35 -29.29
CA MET B 106 2.67 -17.44 -29.04
C MET B 106 2.08 -17.99 -30.32
N LYS B 107 1.65 -17.12 -31.21
CA LYS B 107 0.97 -17.59 -32.42
C LYS B 107 1.95 -18.24 -33.45
N GLN B 108 3.18 -17.73 -33.53
CA GLN B 108 4.29 -18.38 -34.22
C GLN B 108 4.63 -19.82 -33.71
N THR B 109 4.52 -20.08 -32.40
CA THR B 109 4.63 -21.48 -31.88
C THR B 109 3.34 -22.28 -32.16
N GLY B 110 2.24 -21.58 -32.37
CA GLY B 110 0.98 -22.29 -32.53
C GLY B 110 0.37 -22.78 -31.25
N LEU B 111 0.65 -22.14 -30.15
CA LEU B 111 -0.07 -22.36 -28.91
C LEU B 111 -1.58 -22.36 -29.11
N GLU B 112 -2.26 -23.29 -28.46
CA GLU B 112 -3.72 -23.37 -28.55
C GLU B 112 -4.35 -22.62 -27.39
N SER B 113 -3.60 -22.51 -26.30
CA SER B 113 -4.06 -21.78 -25.12
C SER B 113 -2.88 -21.22 -24.35
N TYR B 114 -3.08 -20.06 -23.72
CA TYR B 114 -2.07 -19.44 -22.87
C TYR B 114 -2.59 -19.16 -21.46
N ARG B 115 -1.95 -19.79 -20.47
CA ARG B 115 -2.32 -19.63 -19.08
C ARG B 115 -1.52 -18.51 -18.49
N PHE B 116 -2.25 -17.54 -17.96
CA PHE B 116 -1.61 -16.41 -17.25
C PHE B 116 -2.33 -16.15 -15.98
N SER B 117 -1.85 -15.25 -15.16
CA SER B 117 -2.60 -14.91 -13.97
C SER B 117 -2.91 -13.43 -13.96
N ILE B 118 -3.98 -13.00 -13.28
CA ILE B 118 -4.24 -11.57 -13.05
C ILE B 118 -3.52 -11.16 -11.78
N SER B 119 -2.70 -10.11 -11.81
CA SER B 119 -2.23 -9.52 -10.58
C SER B 119 -3.38 -8.84 -9.81
N TRP B 120 -3.79 -9.46 -8.71
CA TRP B 120 -4.86 -8.94 -7.84
C TRP B 120 -4.67 -7.43 -7.57
N SER B 121 -3.45 -7.03 -7.26
CA SER B 121 -3.19 -5.67 -6.89
C SER B 121 -3.01 -4.76 -8.12
N ARG B 122 -2.94 -5.34 -9.30
CA ARG B 122 -3.13 -4.47 -10.49
C ARG B 122 -4.63 -4.11 -10.72
N VAL B 123 -5.56 -5.05 -10.49
CA VAL B 123 -7.00 -4.70 -10.62
C VAL B 123 -7.59 -4.00 -9.39
N LEU B 124 -7.14 -4.35 -8.17
CA LEU B 124 -7.56 -3.70 -6.92
C LEU B 124 -6.32 -3.32 -6.06
N PRO B 125 -5.81 -2.08 -6.16
CA PRO B 125 -4.55 -1.67 -5.47
C PRO B 125 -4.45 -2.00 -3.99
N GLY B 126 -5.56 -1.84 -3.24
CA GLY B 126 -5.65 -2.22 -1.85
C GLY B 126 -6.35 -3.51 -1.49
N GLY B 127 -6.63 -4.38 -2.49
CA GLY B 127 -7.22 -5.69 -2.29
C GLY B 127 -8.72 -5.70 -2.14
N ARG B 128 -9.24 -4.92 -1.21
CA ARG B 128 -10.68 -4.87 -0.94
C ARG B 128 -11.26 -3.81 -1.84
N LEU B 129 -12.53 -3.52 -1.75
CA LEU B 129 -13.19 -2.78 -2.82
C LEU B 129 -13.25 -1.35 -2.44
N ALA B 130 -13.31 -1.09 -1.14
CA ALA B 130 -13.14 0.31 -0.61
C ALA B 130 -12.01 1.18 -1.17
N ALA B 131 -10.85 0.58 -1.47
CA ALA B 131 -9.65 1.35 -1.92
C ALA B 131 -9.53 1.58 -3.41
N GLY B 132 -10.47 1.01 -4.18
CA GLY B 132 -10.66 1.33 -5.60
C GLY B 132 -10.58 0.20 -6.63
N VAL B 133 -11.36 0.32 -7.71
CA VAL B 133 -11.05 -0.41 -8.91
C VAL B 133 -10.07 0.44 -9.74
N ASN B 134 -8.92 -0.12 -10.12
CA ASN B 134 -7.97 0.51 -11.05
C ASN B 134 -8.29 0.34 -12.54
N LYS B 135 -8.83 1.36 -13.19
CA LYS B 135 -9.19 1.17 -14.63
C LYS B 135 -8.04 0.90 -15.60
N ASP B 136 -6.82 1.40 -15.32
CA ASP B 136 -5.61 1.09 -16.12
C ASP B 136 -5.35 -0.40 -16.06
N GLY B 137 -5.41 -0.95 -14.85
CA GLY B 137 -5.44 -2.36 -14.54
C GLY B 137 -6.39 -3.17 -15.39
N VAL B 138 -7.69 -2.90 -15.35
CA VAL B 138 -8.69 -3.67 -16.07
C VAL B 138 -8.57 -3.48 -17.61
N LYS B 139 -8.14 -2.30 -18.03
CA LYS B 139 -7.89 -2.06 -19.47
C LYS B 139 -6.71 -2.92 -20.00
N PHE B 140 -5.64 -3.01 -19.20
CA PHE B 140 -4.54 -3.90 -19.56
C PHE B 140 -5.01 -5.35 -19.88
N TYR B 141 -5.73 -6.00 -18.95
CA TYR B 141 -6.26 -7.37 -19.14
C TYR B 141 -7.32 -7.52 -20.23
N HIS B 142 -8.16 -6.52 -20.44
CA HIS B 142 -9.02 -6.55 -21.63
C HIS B 142 -8.18 -6.55 -22.88
N ASP B 143 -7.16 -5.68 -22.91
CA ASP B 143 -6.22 -5.58 -24.08
C ASP B 143 -5.50 -6.90 -24.30
N PHE B 144 -4.91 -7.43 -23.22
CA PHE B 144 -4.23 -8.75 -23.26
C PHE B 144 -5.19 -9.89 -23.67
N ILE B 145 -6.36 -10.02 -23.04
CA ILE B 145 -7.40 -11.05 -23.45
C ILE B 145 -7.91 -10.96 -24.91
N ASP B 146 -8.39 -9.79 -25.32
CA ASP B 146 -8.78 -9.55 -26.74
C ASP B 146 -7.66 -9.81 -27.77
N GLU B 147 -6.41 -9.58 -27.39
CA GLU B 147 -5.29 -9.83 -28.31
C GLU B 147 -4.98 -11.32 -28.52
N LEU B 148 -5.12 -12.15 -27.47
CA LEU B 148 -5.04 -13.61 -27.55
C LEU B 148 -6.18 -14.20 -28.41
N LEU B 149 -7.39 -13.74 -28.17
CA LEU B 149 -8.50 -14.16 -28.99
C LEU B 149 -8.41 -13.77 -30.49
N ALA B 150 -7.85 -12.61 -30.79
CA ALA B 150 -7.76 -12.13 -32.15
C ALA B 150 -6.74 -12.99 -32.95
N ASN B 151 -5.79 -13.56 -32.20
CA ASN B 151 -4.76 -14.39 -32.72
C ASN B 151 -5.07 -15.87 -32.56
N GLY B 152 -6.32 -16.20 -32.26
CA GLY B 152 -6.76 -17.62 -32.24
C GLY B 152 -6.40 -18.35 -30.94
N ILE B 153 -5.82 -17.64 -29.97
CA ILE B 153 -5.29 -18.27 -28.78
C ILE B 153 -6.28 -18.22 -27.59
N LYS B 154 -6.77 -19.40 -27.16
CA LYS B 154 -7.74 -19.46 -26.06
C LYS B 154 -7.16 -19.04 -24.66
N PRO B 155 -7.77 -18.01 -24.02
CA PRO B 155 -7.22 -17.62 -22.72
C PRO B 155 -7.72 -18.43 -21.56
N SER B 156 -6.79 -18.91 -20.74
CA SER B 156 -7.11 -19.55 -19.49
C SER B 156 -6.46 -18.77 -18.28
N VAL B 157 -7.27 -18.37 -17.29
CA VAL B 157 -6.93 -17.34 -16.33
C VAL B 157 -6.86 -17.85 -14.88
N THR B 158 -5.71 -17.67 -14.24
CA THR B 158 -5.51 -17.86 -12.78
C THR B 158 -5.76 -16.56 -11.98
N LEU B 159 -6.52 -16.64 -10.90
CA LEU B 159 -6.84 -15.51 -10.05
C LEU B 159 -5.71 -15.21 -9.11
N PHE B 160 -5.10 -16.26 -8.57
CA PHE B 160 -4.10 -16.11 -7.52
C PHE B 160 -2.89 -17.03 -7.77
N HIS B 161 -1.79 -16.35 -8.09
CA HIS B 161 -0.43 -16.89 -8.27
C HIS B 161 0.61 -16.16 -7.34
N TRP B 162 0.30 -16.19 -6.03
CA TRP B 162 1.16 -15.81 -4.92
C TRP B 162 1.21 -14.35 -4.67
N ASP B 163 0.94 -13.51 -5.68
CA ASP B 163 1.03 -12.01 -5.53
C ASP B 163 -0.12 -11.32 -4.73
N LEU B 164 -0.17 -11.57 -3.43
CA LEU B 164 -1.20 -11.00 -2.57
C LEU B 164 -1.03 -9.50 -2.43
N PRO B 165 -2.11 -8.72 -2.64
CA PRO B 165 -1.98 -7.30 -2.27
C PRO B 165 -1.43 -7.13 -0.88
N GLN B 166 -0.35 -6.39 -0.79
CA GLN B 166 0.28 -6.00 0.49
C GLN B 166 -0.66 -5.32 1.51
N ALA B 167 -1.60 -4.48 1.04
CA ALA B 167 -2.60 -3.94 1.92
C ALA B 167 -3.35 -5.01 2.76
N LEU B 168 -3.72 -6.16 2.15
CA LEU B 168 -4.33 -7.29 2.86
C LEU B 168 -3.40 -8.14 3.75
N GLU B 169 -2.13 -8.23 3.40
CA GLU B 169 -1.14 -8.74 4.33
C GLU B 169 -0.94 -7.77 5.54
N ASP B 170 -0.88 -6.50 5.28
CA ASP B 170 -0.74 -5.59 6.39
C ASP B 170 -2.03 -5.58 7.23
N GLU B 171 -3.17 -5.32 6.62
CA GLU B 171 -4.38 -5.13 7.40
C GLU B 171 -4.66 -6.25 8.41
N TYR B 172 -4.67 -7.51 7.95
CA TYR B 172 -5.09 -8.65 8.79
C TYR B 172 -4.33 -9.98 8.62
N GLY B 173 -3.18 -9.97 7.96
CA GLY B 173 -2.32 -11.14 7.83
C GLY B 173 -2.55 -11.98 6.55
N GLY B 174 -3.34 -11.48 5.62
CA GLY B 174 -3.58 -12.23 4.43
C GLY B 174 -4.23 -13.54 4.79
N PHE B 175 -3.69 -14.64 4.27
CA PHE B 175 -4.17 -15.97 4.55
C PHE B 175 -4.06 -16.46 5.99
N LEU B 176 -3.47 -15.65 6.87
CA LEU B 176 -3.49 -15.97 8.29
C LEU B 176 -4.83 -15.68 8.94
N SER B 177 -5.68 -14.99 8.18
CA SER B 177 -6.98 -14.65 8.69
C SER B 177 -8.12 -15.20 7.79
N HIS B 178 -9.26 -15.50 8.41
CA HIS B 178 -10.43 -15.96 7.66
C HIS B 178 -11.06 -14.78 6.88
N ARG B 179 -10.73 -13.55 7.29
CA ARG B 179 -11.03 -12.34 6.49
C ARG B 179 -10.63 -12.39 4.98
N ILE B 180 -9.77 -13.34 4.58
CA ILE B 180 -9.34 -13.47 3.20
C ILE B 180 -10.45 -14.03 2.28
N VAL B 181 -11.32 -14.89 2.82
CA VAL B 181 -12.34 -15.57 2.06
C VAL B 181 -13.25 -14.59 1.34
N ASP B 182 -13.74 -13.59 2.05
CA ASP B 182 -14.72 -12.66 1.52
C ASP B 182 -14.12 -11.67 0.53
N ASP B 183 -12.94 -11.13 0.85
CA ASP B 183 -12.12 -10.32 -0.03
C ASP B 183 -11.69 -11.10 -1.31
N PHE B 184 -11.27 -12.37 -1.20
CA PHE B 184 -10.93 -13.15 -2.38
C PHE B 184 -12.18 -13.37 -3.20
N CYS B 185 -13.29 -13.63 -2.50
CA CYS B 185 -14.56 -13.88 -3.14
C CYS B 185 -15.01 -12.69 -3.97
N GLU B 186 -14.83 -11.45 -3.44
CA GLU B 186 -15.15 -10.21 -4.20
C GLU B 186 -14.21 -9.90 -5.35
N TYR B 187 -12.94 -10.22 -5.20
CA TYR B 187 -11.97 -10.18 -6.26
C TYR B 187 -12.37 -11.13 -7.42
N ALA B 188 -12.68 -12.37 -7.05
CA ALA B 188 -13.13 -13.41 -7.95
C ALA B 188 -14.43 -12.98 -8.68
N GLU B 189 -15.46 -12.57 -7.94
CA GLU B 189 -16.65 -12.01 -8.55
C GLU B 189 -16.39 -10.82 -9.51
N PHE B 190 -15.55 -9.85 -9.12
CA PHE B 190 -15.17 -8.73 -10.02
C PHE B 190 -14.56 -9.23 -11.33
N CYS B 191 -13.64 -10.19 -11.22
CA CYS B 191 -13.02 -10.82 -12.40
C CYS B 191 -13.96 -11.63 -13.30
N PHE B 192 -14.88 -12.43 -12.73
CA PHE B 192 -15.88 -13.14 -13.49
C PHE B 192 -16.76 -12.14 -14.21
N TRP B 193 -17.32 -11.19 -13.49
CA TRP B 193 -18.00 -10.07 -14.15
C TRP B 193 -17.21 -9.38 -15.29
N GLU B 194 -16.07 -8.74 -15.00
CA GLU B 194 -15.30 -7.90 -15.94
C GLU B 194 -14.76 -8.57 -17.19
N PHE B 195 -14.33 -9.83 -17.09
CA PHE B 195 -13.57 -10.53 -18.13
C PHE B 195 -14.25 -11.84 -18.57
N GLY B 196 -15.02 -12.44 -17.66
CA GLY B 196 -15.61 -13.73 -17.82
C GLY B 196 -16.37 -14.04 -19.07
N ASP B 197 -16.77 -13.04 -19.84
CA ASP B 197 -17.58 -13.33 -21.07
C ASP B 197 -16.66 -13.81 -22.23
N LYS B 198 -15.36 -13.64 -22.02
CA LYS B 198 -14.40 -14.02 -23.03
C LYS B 198 -13.53 -15.16 -22.59
N ILE B 199 -13.66 -15.59 -21.33
CA ILE B 199 -12.79 -16.62 -20.84
C ILE B 199 -13.49 -17.90 -20.34
N LYS B 200 -13.10 -19.09 -20.84
CA LYS B 200 -13.69 -20.38 -20.45
C LYS B 200 -13.04 -21.17 -19.27
N TYR B 201 -11.77 -20.91 -18.92
CA TYR B 201 -11.10 -21.72 -17.87
C TYR B 201 -10.61 -20.89 -16.76
N TRP B 202 -11.02 -21.18 -15.54
CA TRP B 202 -10.69 -20.33 -14.40
C TRP B 202 -10.01 -21.20 -13.37
N THR B 203 -8.86 -20.74 -12.84
CA THR B 203 -8.24 -21.42 -11.74
C THR B 203 -8.29 -20.48 -10.57
N THR B 204 -8.78 -20.99 -9.44
CA THR B 204 -8.73 -20.27 -8.19
C THR B 204 -7.25 -19.96 -7.78
N PHE B 205 -6.45 -21.00 -7.49
CA PHE B 205 -5.10 -20.90 -6.92
C PHE B 205 -4.11 -21.77 -7.68
N ASN B 206 -2.93 -21.22 -7.93
CA ASN B 206 -1.88 -22.04 -8.40
C ASN B 206 -0.93 -22.41 -7.25
N GLU B 207 -0.69 -23.71 -7.12
CA GLU B 207 0.15 -24.31 -6.08
C GLU B 207 0.00 -23.74 -4.69
N PRO B 208 -1.11 -23.99 -4.01
CA PRO B 208 -1.16 -23.50 -2.67
C PRO B 208 -0.25 -24.28 -1.71
N HIS B 209 0.19 -25.48 -2.08
CA HIS B 209 1.22 -26.14 -1.24
C HIS B 209 2.53 -25.34 -1.24
N THR B 210 2.96 -24.82 -2.39
CA THR B 210 4.19 -24.05 -2.46
C THR B 210 4.14 -22.68 -1.76
N PHE B 211 2.98 -22.04 -1.87
CA PHE B 211 2.71 -20.79 -1.24
C PHE B 211 2.69 -20.99 0.26
N ALA B 212 1.92 -21.97 0.72
CA ALA B 212 1.76 -22.24 2.18
C ALA B 212 3.09 -22.73 2.84
N VAL B 213 3.66 -23.79 2.26
CA VAL B 213 4.92 -24.33 2.76
C VAL B 213 6.09 -23.33 2.61
N ASN B 214 6.31 -22.76 1.44
CA ASN B 214 7.47 -21.94 1.24
C ASN B 214 7.33 -20.55 1.86
N GLY B 215 6.10 -20.15 2.15
CA GLY B 215 5.88 -18.84 2.72
C GLY B 215 5.83 -18.76 4.22
N TYR B 216 5.46 -19.88 4.83
CA TYR B 216 5.12 -19.98 6.25
C TYR B 216 5.83 -21.09 7.03
N ALA B 217 6.41 -22.08 6.36
CA ALA B 217 7.27 -23.08 7.02
C ALA B 217 8.75 -22.76 6.83
N LEU B 218 9.15 -22.46 5.58
CA LEU B 218 10.56 -22.27 5.29
C LEU B 218 11.06 -20.86 5.20
N GLY B 219 10.16 -19.87 5.15
CA GLY B 219 10.53 -18.44 4.92
C GLY B 219 11.33 -18.14 3.64
N GLU B 220 11.24 -19.03 2.67
CA GLU B 220 11.92 -18.89 1.37
C GLU B 220 11.22 -17.91 0.41
N PHE B 221 9.90 -17.93 0.46
CA PHE B 221 8.96 -17.22 -0.41
C PHE B 221 8.16 -16.16 0.39
N ALA B 222 7.62 -15.16 -0.31
CA ALA B 222 6.76 -14.18 0.33
C ALA B 222 5.69 -14.88 1.18
N PRO B 223 5.43 -14.42 2.41
CA PRO B 223 6.00 -13.24 3.10
C PRO B 223 7.18 -13.52 4.02
N GLY B 224 7.92 -14.59 3.80
CA GLY B 224 9.20 -14.84 4.51
C GLY B 224 9.05 -15.30 5.96
N ARG B 225 8.10 -16.20 6.19
CA ARG B 225 7.73 -16.62 7.55
C ARG B 225 8.09 -18.06 7.87
N GLY B 226 8.47 -18.25 9.13
CA GLY B 226 8.57 -19.61 9.72
C GLY B 226 9.92 -20.29 9.78
N GLY B 227 10.92 -19.74 9.08
CA GLY B 227 12.28 -20.30 9.15
C GLY B 227 13.15 -19.59 10.17
N LYS B 228 14.43 -19.97 10.27
CA LYS B 228 15.32 -19.45 11.33
C LYS B 228 15.53 -17.94 11.21
N GLY B 229 15.10 -17.18 12.24
CA GLY B 229 15.13 -15.71 12.18
C GLY B 229 13.83 -15.08 11.72
N ASP B 230 12.95 -15.85 11.10
CA ASP B 230 11.69 -15.27 10.62
C ASP B 230 10.65 -15.07 11.73
N GLU B 231 9.77 -14.09 11.59
CA GLU B 231 8.51 -14.17 12.30
C GLU B 231 7.72 -15.44 11.91
N GLY B 232 6.72 -15.79 12.72
CA GLY B 232 5.82 -16.94 12.44
C GLY B 232 6.07 -18.15 13.32
N ASP B 233 5.38 -19.23 13.02
CA ASP B 233 5.53 -20.55 13.65
C ASP B 233 5.30 -21.58 12.54
N PRO B 234 6.35 -22.32 12.15
CA PRO B 234 6.20 -23.28 11.05
C PRO B 234 5.30 -24.44 11.40
N ALA B 235 4.88 -24.57 12.64
CA ALA B 235 4.05 -25.68 13.01
C ALA B 235 2.57 -25.33 12.96
N ILE B 236 2.27 -24.02 12.96
CA ILE B 236 0.87 -23.49 13.05
C ILE B 236 0.46 -22.89 11.71
N GLU B 237 1.29 -21.97 11.23
CA GLU B 237 0.93 -21.09 10.16
C GLU B 237 0.60 -21.78 8.81
N PRO B 238 1.43 -22.77 8.37
CA PRO B 238 1.10 -23.43 7.11
C PRO B 238 -0.29 -24.04 7.11
N TYR B 239 -0.71 -24.47 8.28
CA TYR B 239 -1.98 -25.16 8.36
C TYR B 239 -3.12 -24.18 8.36
N VAL B 240 -2.99 -23.06 9.08
CA VAL B 240 -4.00 -22.01 9.06
C VAL B 240 -4.15 -21.47 7.61
N VAL B 241 -3.03 -21.31 6.91
CA VAL B 241 -3.00 -20.71 5.59
C VAL B 241 -3.73 -21.59 4.60
N THR B 242 -3.42 -22.89 4.59
CA THR B 242 -4.08 -23.88 3.71
C THR B 242 -5.59 -24.04 3.96
N HIS B 243 -6.04 -23.99 5.22
CA HIS B 243 -7.44 -23.90 5.57
C HIS B 243 -8.15 -22.66 4.97
N ASN B 244 -7.54 -21.50 5.12
CA ASN B 244 -8.12 -20.28 4.50
C ASN B 244 -8.11 -20.29 2.96
N ILE B 245 -7.17 -21.04 2.37
CA ILE B 245 -7.14 -21.20 0.93
C ILE B 245 -8.33 -22.05 0.45
N LEU B 246 -8.57 -23.15 1.15
CA LEU B 246 -9.66 -24.06 0.79
C LEU B 246 -11.02 -23.37 0.93
N LEU B 247 -11.25 -22.64 2.01
CA LEU B 247 -12.48 -21.82 2.17
C LEU B 247 -12.58 -20.75 1.07
N ALA B 248 -11.48 -20.06 0.80
CA ALA B 248 -11.46 -19.03 -0.20
C ALA B 248 -11.74 -19.66 -1.58
N HIS B 249 -11.10 -20.80 -1.83
CA HIS B 249 -11.28 -21.52 -3.08
C HIS B 249 -12.75 -21.88 -3.25
N LYS B 250 -13.38 -22.32 -2.15
CA LYS B 250 -14.78 -22.74 -2.21
C LYS B 250 -15.70 -21.52 -2.48
N ALA B 251 -15.68 -20.49 -1.66
CA ALA B 251 -16.44 -19.28 -1.97
C ALA B 251 -16.39 -18.88 -3.48
N ALA B 252 -15.18 -18.88 -4.09
CA ALA B 252 -15.02 -18.41 -5.46
C ALA B 252 -15.70 -19.34 -6.47
N VAL B 253 -15.51 -20.65 -6.24
CA VAL B 253 -16.11 -21.70 -7.02
C VAL B 253 -17.67 -21.67 -6.93
N GLU B 254 -18.22 -21.38 -5.75
CA GLU B 254 -19.65 -21.23 -5.61
C GLU B 254 -20.12 -19.97 -6.28
N GLU B 255 -19.41 -18.85 -6.05
CA GLU B 255 -19.58 -17.68 -6.92
C GLU B 255 -19.77 -18.03 -8.40
N TYR B 256 -18.83 -18.78 -8.95
CA TYR B 256 -18.85 -18.99 -10.38
C TYR B 256 -20.02 -19.96 -10.83
N ARG B 257 -20.16 -21.10 -10.17
CA ARG B 257 -21.23 -22.03 -10.40
C ARG B 257 -22.61 -21.37 -10.33
N ASN B 258 -22.92 -20.74 -9.22
CA ASN B 258 -24.22 -20.14 -9.06
C ASN B 258 -24.40 -18.90 -9.90
N LYS B 259 -23.37 -18.04 -10.06
CA LYS B 259 -23.61 -16.74 -10.73
C LYS B 259 -23.08 -16.51 -12.17
N PHE B 260 -22.10 -17.29 -12.64
CA PHE B 260 -21.48 -17.01 -13.94
C PHE B 260 -21.39 -18.15 -14.92
N GLN B 261 -21.34 -19.39 -14.44
CA GLN B 261 -21.02 -20.53 -15.31
C GLN B 261 -22.13 -20.89 -16.35
N LYS B 262 -23.38 -20.62 -15.99
CA LYS B 262 -24.45 -20.93 -16.93
C LYS B 262 -24.38 -19.97 -18.13
N CYS B 263 -24.26 -18.66 -17.91
CA CYS B 263 -24.03 -17.68 -19.00
C CYS B 263 -22.67 -17.77 -19.77
N GLN B 264 -21.57 -17.71 -19.01
CA GLN B 264 -20.23 -17.64 -19.56
C GLN B 264 -19.74 -18.99 -20.14
N GLU B 265 -20.39 -20.12 -19.76
CA GLU B 265 -20.06 -21.51 -20.25
C GLU B 265 -18.63 -21.97 -20.10
N GLY B 266 -18.00 -21.46 -19.05
CA GLY B 266 -16.69 -21.90 -18.65
C GLY B 266 -16.67 -22.92 -17.52
N GLU B 267 -15.57 -22.96 -16.81
CA GLU B 267 -15.25 -24.04 -15.90
C GLU B 267 -14.12 -23.56 -15.01
N ILE B 268 -14.16 -23.96 -13.75
CA ILE B 268 -13.30 -23.50 -12.69
C ILE B 268 -12.69 -24.64 -11.91
N GLY B 269 -11.40 -24.56 -11.64
CA GLY B 269 -10.66 -25.66 -11.07
C GLY B 269 -9.56 -25.13 -10.19
N ILE B 270 -8.66 -26.00 -9.73
CA ILE B 270 -7.57 -25.57 -8.90
C ILE B 270 -6.25 -26.22 -9.38
N VAL B 271 -5.11 -25.53 -9.23
CA VAL B 271 -3.83 -26.16 -9.62
C VAL B 271 -3.00 -26.70 -8.47
N LEU B 272 -2.91 -28.04 -8.50
CA LEU B 272 -2.19 -28.85 -7.49
C LEU B 272 -0.83 -29.32 -8.01
N ASN B 273 0.19 -29.14 -7.19
CA ASN B 273 1.49 -29.73 -7.46
C ASN B 273 1.71 -30.98 -6.59
N SER B 274 2.58 -31.86 -7.06
CA SER B 274 3.16 -32.90 -6.27
C SER B 274 4.41 -33.40 -6.98
N MET B 275 5.41 -33.85 -6.23
CA MET B 275 6.42 -34.77 -6.78
C MET B 275 5.76 -36.14 -6.85
N TRP B 276 6.29 -37.07 -7.62
CA TRP B 276 5.95 -38.47 -7.40
C TRP B 276 6.80 -39.04 -6.25
N MET B 277 6.20 -39.83 -5.37
CA MET B 277 6.92 -40.47 -4.26
C MET B 277 7.15 -41.96 -4.50
N GLU B 278 8.37 -42.39 -4.82
CA GLU B 278 8.68 -43.83 -4.99
C GLU B 278 9.21 -44.43 -3.72
N PRO B 279 8.62 -45.57 -3.27
CA PRO B 279 9.19 -46.29 -2.14
C PRO B 279 10.68 -46.54 -2.39
N LEU B 280 11.54 -46.15 -1.45
CA LEU B 280 12.98 -46.49 -1.54
C LEU B 280 13.21 -48.02 -1.78
N SER B 281 12.51 -48.86 -0.98
CA SER B 281 12.44 -50.32 -1.20
C SER B 281 11.02 -50.89 -1.04
N ASP B 282 10.83 -52.16 -1.41
CA ASP B 282 9.45 -52.73 -1.41
C ASP B 282 9.05 -53.35 -0.08
N VAL B 283 9.44 -52.70 1.01
CA VAL B 283 9.02 -53.08 2.35
C VAL B 283 7.87 -52.14 2.75
N GLN B 284 6.86 -52.67 3.46
CA GLN B 284 5.71 -51.89 3.94
C GLN B 284 6.09 -50.48 4.56
N ALA B 285 7.16 -50.41 5.35
CA ALA B 285 7.47 -49.12 6.06
C ALA B 285 7.62 -47.95 5.04
N ASP B 286 8.00 -48.32 3.82
CA ASP B 286 8.19 -47.37 2.72
C ASP B 286 6.87 -47.07 1.95
N ILE B 287 6.02 -48.09 1.74
CA ILE B 287 4.71 -47.83 1.14
C ILE B 287 3.95 -46.89 2.08
N ASP B 288 4.02 -47.16 3.39
CA ASP B 288 3.37 -46.32 4.37
C ASP B 288 3.95 -44.89 4.16
N ALA B 289 5.28 -44.80 4.06
CA ALA B 289 5.96 -43.53 3.81
C ALA B 289 5.42 -42.78 2.57
N GLN B 290 5.37 -43.47 1.42
CA GLN B 290 4.79 -42.91 0.20
C GLN B 290 3.43 -42.28 0.44
N LYS B 291 2.54 -43.07 1.02
CA LYS B 291 1.14 -42.70 1.17
C LYS B 291 1.10 -41.50 2.12
N ARG B 292 1.95 -41.46 3.17
CA ARG B 292 2.09 -40.22 4.02
C ARG B 292 2.65 -38.98 3.24
N ALA B 293 3.74 -39.17 2.50
CA ALA B 293 4.31 -38.06 1.72
C ALA B 293 3.35 -37.47 0.71
N LEU B 294 2.65 -38.33 -0.04
CA LEU B 294 1.63 -37.88 -1.00
C LEU B 294 0.47 -37.16 -0.29
N ASP B 295 0.10 -37.66 0.88
CA ASP B 295 -1.01 -37.08 1.68
C ASP B 295 -0.78 -35.67 2.14
N PHE B 296 0.42 -35.46 2.66
CA PHE B 296 0.87 -34.19 3.13
C PHE B 296 1.13 -33.24 1.94
N MET B 297 1.16 -33.77 0.71
CA MET B 297 1.44 -32.87 -0.42
C MET B 297 0.22 -32.75 -1.32
N LEU B 298 -0.39 -33.86 -1.67
CA LEU B 298 -1.46 -33.78 -2.60
C LEU B 298 -2.77 -33.89 -1.83
N GLY B 299 -2.83 -34.80 -0.86
CA GLY B 299 -4.10 -35.05 -0.16
C GLY B 299 -4.53 -33.92 0.73
N TRP B 300 -3.59 -33.08 1.16
CA TRP B 300 -3.85 -31.89 1.98
C TRP B 300 -4.91 -30.99 1.35
N PHE B 301 -5.01 -31.01 0.03
CA PHE B 301 -5.99 -30.14 -0.64
C PHE B 301 -7.05 -30.98 -1.24
N LEU B 302 -6.61 -32.10 -1.80
CA LEU B 302 -7.43 -32.97 -2.60
C LEU B 302 -8.35 -33.82 -1.75
N GLU B 303 -7.94 -34.11 -0.51
CA GLU B 303 -8.93 -34.83 0.38
C GLU B 303 -10.08 -33.96 0.89
N PRO B 304 -9.82 -32.70 1.35
CA PRO B 304 -11.03 -31.93 1.54
C PRO B 304 -12.00 -31.97 0.29
N LEU B 305 -11.46 -31.91 -0.94
CA LEU B 305 -12.30 -31.68 -2.13
C LEU B 305 -12.90 -32.97 -2.68
N THR B 306 -12.71 -34.07 -1.93
CA THR B 306 -13.19 -35.39 -2.31
C THR B 306 -14.19 -35.83 -1.23
N THR B 307 -13.74 -35.76 0.03
CA THR B 307 -14.55 -36.18 1.16
C THR B 307 -14.85 -35.08 2.21
N GLY B 308 -14.27 -33.90 2.08
CA GLY B 308 -14.54 -32.85 3.06
C GLY B 308 -13.70 -32.91 4.36
N ASP B 309 -12.70 -33.78 4.45
CA ASP B 309 -11.82 -33.78 5.59
C ASP B 309 -10.38 -33.93 5.08
N TYR B 310 -9.39 -33.60 5.92
CA TYR B 310 -8.01 -33.76 5.50
C TYR B 310 -7.74 -35.30 5.58
N PRO B 311 -6.62 -35.78 5.03
CA PRO B 311 -6.40 -37.21 5.06
C PRO B 311 -6.27 -37.79 6.49
N LYS B 312 -6.60 -39.08 6.68
CA LYS B 312 -6.28 -39.87 7.87
C LYS B 312 -4.99 -39.43 8.57
N SER B 313 -3.88 -39.53 7.83
CA SER B 313 -2.56 -39.41 8.44
C SER B 313 -2.12 -38.02 8.74
N MET B 314 -2.82 -37.01 8.23
CA MET B 314 -2.57 -35.67 8.69
C MET B 314 -3.30 -35.44 9.99
N ARG B 315 -4.49 -36.03 10.11
CA ARG B 315 -5.26 -35.94 11.35
C ARG B 315 -4.59 -36.66 12.51
N GLU B 316 -3.92 -37.80 12.24
CA GLU B 316 -3.24 -38.60 13.27
C GLU B 316 -2.01 -37.88 13.82
N LEU B 317 -1.24 -37.30 12.91
CA LEU B 317 0.08 -36.79 13.20
C LEU B 317 0.06 -35.32 13.57
N VAL B 318 -0.79 -34.52 12.92
CA VAL B 318 -0.81 -33.08 13.20
C VAL B 318 -1.81 -32.73 14.31
N LYS B 319 -2.86 -33.55 14.47
CA LYS B 319 -3.79 -33.48 15.60
C LYS B 319 -4.52 -32.14 15.75
N GLY B 320 -4.40 -31.53 16.94
CA GLY B 320 -4.97 -30.20 17.20
C GLY B 320 -4.36 -29.10 16.34
N ARG B 321 -3.20 -29.32 15.74
CA ARG B 321 -2.64 -28.23 14.97
C ARG B 321 -3.24 -28.12 13.55
N LEU B 322 -4.22 -28.94 13.24
CA LEU B 322 -4.85 -28.96 11.91
C LEU B 322 -6.34 -28.58 12.05
N PRO B 323 -6.76 -27.46 11.44
CA PRO B 323 -8.13 -27.02 11.77
C PRO B 323 -9.26 -27.95 11.28
N LYS B 324 -10.46 -27.72 11.82
CA LYS B 324 -11.60 -28.57 11.51
C LYS B 324 -12.54 -27.78 10.63
N PHE B 325 -13.14 -28.48 9.69
CA PHE B 325 -14.16 -27.87 8.88
C PHE B 325 -15.50 -28.01 9.64
N SER B 326 -16.33 -26.98 9.57
CA SER B 326 -17.73 -27.11 9.99
C SER B 326 -18.36 -28.21 9.15
N ALA B 327 -19.49 -28.75 9.58
CA ALA B 327 -20.24 -29.73 8.80
C ALA B 327 -20.79 -29.10 7.50
N ASP B 328 -21.17 -27.83 7.54
CA ASP B 328 -21.52 -27.15 6.28
C ASP B 328 -20.32 -27.05 5.31
N ASP B 329 -19.19 -26.48 5.75
CA ASP B 329 -18.03 -26.32 4.86
C ASP B 329 -17.58 -27.69 4.34
N SER B 330 -17.55 -28.67 5.25
CA SER B 330 -17.14 -30.03 4.88
C SER B 330 -18.02 -30.57 3.76
N GLU B 331 -19.33 -30.56 3.96
CA GLU B 331 -20.29 -30.97 2.90
C GLU B 331 -20.15 -30.16 1.59
N LYS B 332 -19.96 -28.84 1.71
CA LYS B 332 -19.85 -27.98 0.50
C LYS B 332 -18.49 -28.10 -0.30
N LEU B 333 -17.45 -28.60 0.36
CA LEU B 333 -16.18 -28.89 -0.29
C LEU B 333 -16.15 -30.13 -1.18
N LYS B 334 -17.05 -31.10 -0.95
CA LYS B 334 -17.04 -32.35 -1.74
C LYS B 334 -17.23 -31.95 -3.20
N GLY B 335 -16.30 -32.35 -4.08
CA GLY B 335 -16.41 -32.03 -5.51
C GLY B 335 -16.39 -30.55 -5.95
N CYS B 336 -15.99 -29.69 -5.04
CA CYS B 336 -15.95 -28.28 -5.24
C CYS B 336 -14.82 -27.81 -6.24
N TYR B 337 -14.95 -28.24 -7.50
CA TYR B 337 -14.03 -27.93 -8.58
C TYR B 337 -14.54 -28.65 -9.88
N ASP B 338 -14.20 -28.12 -11.06
CA ASP B 338 -14.58 -28.79 -12.35
C ASP B 338 -13.40 -29.58 -12.95
N PHE B 339 -12.18 -29.17 -12.60
CA PHE B 339 -10.94 -29.87 -12.94
C PHE B 339 -9.88 -29.66 -11.86
N ILE B 340 -8.88 -30.57 -11.88
CA ILE B 340 -7.68 -30.43 -11.11
C ILE B 340 -6.56 -30.30 -12.05
N GLY B 341 -5.90 -29.13 -11.96
CA GLY B 341 -4.59 -28.81 -12.54
C GLY B 341 -3.41 -29.39 -11.77
N MET B 342 -2.58 -30.11 -12.49
CA MET B 342 -1.47 -30.88 -11.95
C MET B 342 -0.16 -30.27 -12.44
N ASN B 343 0.67 -29.78 -11.53
CA ASN B 343 2.04 -29.29 -11.86
C ASN B 343 3.07 -30.36 -11.44
N TYR B 344 3.96 -30.73 -12.33
CA TYR B 344 4.85 -31.86 -12.09
C TYR B 344 6.25 -31.50 -12.63
N TYR B 345 7.29 -31.69 -11.81
CA TYR B 345 8.67 -31.41 -12.16
C TYR B 345 9.56 -32.64 -11.94
N THR B 346 9.36 -33.37 -10.82
CA THR B 346 10.21 -34.47 -10.47
C THR B 346 9.62 -35.52 -9.53
N ALA B 347 10.42 -36.56 -9.30
CA ALA B 347 10.12 -37.58 -8.35
C ALA B 347 11.30 -37.71 -7.38
N THR B 348 11.00 -38.22 -6.18
CA THR B 348 12.02 -38.56 -5.21
C THR B 348 11.75 -39.96 -4.64
N TYR B 349 12.72 -40.54 -3.91
CA TYR B 349 12.44 -41.78 -3.21
C TYR B 349 12.02 -41.32 -1.82
N VAL B 350 11.18 -42.16 -1.19
CA VAL B 350 10.76 -41.96 0.19
C VAL B 350 10.93 -43.20 1.11
N THR B 351 11.30 -42.89 2.35
CA THR B 351 11.32 -43.85 3.43
C THR B 351 10.88 -43.21 4.78
N ASN B 352 10.64 -44.07 5.78
CA ASN B 352 10.27 -43.66 7.16
C ASN B 352 11.43 -42.92 7.76
N ALA B 353 11.15 -41.92 8.58
CA ALA B 353 12.19 -41.10 9.18
C ALA B 353 12.49 -41.54 10.62
N VAL B 354 13.66 -41.10 11.12
CA VAL B 354 14.13 -41.26 12.51
C VAL B 354 13.48 -40.28 13.49
N LYS B 360 11.93 -29.63 17.08
CA LYS B 360 11.18 -28.41 16.67
C LYS B 360 10.02 -28.73 15.74
N LEU B 361 8.78 -28.56 16.20
CA LEU B 361 7.64 -28.97 15.42
C LEU B 361 7.66 -28.11 14.20
N SER B 362 7.25 -28.68 13.08
CA SER B 362 7.18 -27.97 11.79
C SER B 362 6.37 -28.74 10.81
N TYR B 363 5.71 -28.03 9.90
CA TYR B 363 5.05 -28.71 8.79
C TYR B 363 6.10 -29.56 8.07
N GLU B 364 7.35 -29.15 8.03
CA GLU B 364 8.36 -29.90 7.29
C GLU B 364 8.62 -31.29 7.82
N THR B 365 8.39 -31.48 9.13
CA THR B 365 8.73 -32.77 9.77
C THR B 365 7.47 -33.57 10.18
N ASP B 366 6.30 -32.96 10.03
CA ASP B 366 5.04 -33.60 10.40
C ASP B 366 4.75 -34.86 9.61
N ASP B 367 4.96 -34.94 8.28
CA ASP B 367 4.72 -36.24 7.57
C ASP B 367 5.85 -37.03 8.21
N GLN B 368 6.05 -38.30 8.06
CA GLN B 368 7.29 -38.68 8.78
C GLN B 368 8.21 -39.27 7.78
N VAL B 369 8.55 -38.50 6.78
CA VAL B 369 9.17 -39.07 5.60
C VAL B 369 10.54 -38.47 5.36
N THR B 370 11.55 -39.31 5.11
CA THR B 370 12.81 -38.78 4.63
C THR B 370 12.74 -38.94 3.14
N LYS B 371 13.18 -37.89 2.45
CA LYS B 371 13.13 -37.92 1.00
C LYS B 371 14.56 -37.91 0.57
N THR B 372 14.92 -38.76 -0.40
CA THR B 372 16.27 -38.78 -0.95
C THR B 372 16.10 -38.99 -2.43
N PHE B 373 17.02 -38.42 -3.21
CA PHE B 373 17.03 -38.59 -4.67
C PHE B 373 17.85 -39.81 -5.15
N GLU B 374 18.48 -40.54 -4.21
CA GLU B 374 19.37 -41.70 -4.53
C GLU B 374 18.98 -43.07 -3.96
N ARG B 375 19.29 -44.13 -4.70
CA ARG B 375 18.92 -45.48 -4.26
C ARG B 375 20.11 -46.22 -3.67
N ASN B 376 20.98 -46.71 -4.54
CA ASN B 376 22.20 -47.29 -4.01
C ASN B 376 23.32 -46.40 -4.52
N GLN B 377 23.19 -45.11 -4.20
CA GLN B 377 24.03 -44.10 -4.79
C GLN B 377 23.63 -43.81 -6.24
N LYS B 378 22.67 -44.55 -6.78
CA LYS B 378 22.12 -44.33 -8.13
C LYS B 378 20.93 -43.32 -8.13
N PRO B 379 21.07 -42.14 -8.81
CA PRO B 379 19.97 -41.15 -8.81
C PRO B 379 18.72 -41.68 -9.56
N ILE B 380 17.53 -41.23 -9.15
CA ILE B 380 16.27 -41.70 -9.75
C ILE B 380 16.16 -41.27 -11.22
N GLY B 381 16.85 -40.20 -11.57
CA GLY B 381 16.98 -39.72 -12.94
C GLY B 381 18.06 -38.65 -13.04
N HIS B 382 18.34 -38.20 -14.26
CA HIS B 382 19.39 -37.21 -14.49
C HIS B 382 19.15 -35.92 -13.68
N ALA B 383 20.17 -35.50 -12.93
CA ALA B 383 20.07 -34.32 -12.05
C ALA B 383 20.23 -33.06 -12.89
N LEU B 384 19.32 -32.10 -12.74
CA LEU B 384 19.41 -30.83 -13.48
C LEU B 384 20.09 -29.74 -12.65
N TYR B 385 20.35 -28.59 -13.27
CA TYR B 385 21.04 -27.42 -12.67
C TYR B 385 21.08 -27.15 -11.14
N GLY B 386 19.95 -26.93 -10.52
CA GLY B 386 20.06 -26.62 -9.09
C GLY B 386 20.19 -27.83 -8.17
N GLY B 387 20.28 -29.03 -8.75
CA GLY B 387 20.24 -30.27 -7.96
C GLY B 387 18.89 -30.82 -7.47
N TRP B 388 17.81 -30.07 -7.65
CA TRP B 388 16.54 -30.57 -7.09
C TRP B 388 15.81 -31.35 -8.15
N GLN B 389 15.67 -30.77 -9.33
CA GLN B 389 14.97 -31.43 -10.39
C GLN B 389 15.73 -32.60 -11.05
N HIS B 390 15.08 -33.74 -11.11
CA HIS B 390 15.66 -34.91 -11.72
C HIS B 390 14.70 -35.28 -12.81
N VAL B 391 15.20 -35.47 -14.05
CA VAL B 391 14.26 -35.86 -15.08
C VAL B 391 13.81 -37.32 -14.87
N VAL B 392 12.51 -37.43 -14.53
CA VAL B 392 11.82 -38.67 -14.26
C VAL B 392 10.43 -38.78 -14.93
N PRO B 393 10.39 -39.16 -16.24
CA PRO B 393 9.12 -39.02 -16.94
C PRO B 393 8.07 -39.81 -16.28
N TRP B 394 8.39 -41.08 -15.98
CA TRP B 394 7.45 -42.07 -15.43
C TRP B 394 6.93 -41.62 -14.05
N GLY B 395 7.54 -40.60 -13.46
CA GLY B 395 6.93 -39.98 -12.29
C GLY B 395 5.59 -39.32 -12.60
N LEU B 396 5.46 -38.71 -13.78
CA LEU B 396 4.21 -38.13 -14.26
C LEU B 396 3.01 -39.11 -14.37
N TYR B 397 3.26 -40.23 -15.10
CA TYR B 397 2.38 -41.33 -15.29
C TYR B 397 1.93 -41.73 -13.91
N LYS B 398 2.82 -42.23 -13.07
CA LYS B 398 2.35 -42.69 -11.79
C LYS B 398 1.52 -41.58 -11.07
N LEU B 399 2.00 -40.32 -11.02
CA LEU B 399 1.26 -39.27 -10.27
C LEU B 399 -0.14 -38.95 -10.80
N LEU B 400 -0.35 -39.12 -12.10
CA LEU B 400 -1.67 -39.09 -12.77
C LEU B 400 -2.59 -40.34 -12.59
N VAL B 401 -2.04 -41.57 -12.65
CA VAL B 401 -2.84 -42.76 -12.28
C VAL B 401 -3.27 -42.76 -10.78
N TYR B 402 -2.35 -42.52 -9.86
CA TYR B 402 -2.63 -42.29 -8.43
C TYR B 402 -3.71 -41.23 -8.14
N THR B 403 -3.57 -40.01 -8.66
CA THR B 403 -4.62 -38.98 -8.44
C THR B 403 -6.05 -39.49 -8.77
N LYS B 404 -6.19 -40.36 -9.79
CA LYS B 404 -7.48 -40.93 -10.27
C LYS B 404 -7.99 -42.16 -9.51
N GLU B 405 -7.10 -43.03 -9.06
CA GLU B 405 -7.46 -44.14 -8.19
C GLU B 405 -7.68 -43.69 -6.71
N THR B 406 -6.89 -42.75 -6.20
CA THR B 406 -7.14 -42.17 -4.85
C THR B 406 -8.39 -41.22 -4.78
N TYR B 407 -8.57 -40.34 -5.78
CA TYR B 407 -9.55 -39.24 -5.66
C TYR B 407 -10.68 -39.21 -6.68
N HIS B 408 -10.53 -39.98 -7.76
CA HIS B 408 -11.56 -40.05 -8.83
C HIS B 408 -11.94 -38.67 -9.36
N VAL B 409 -10.93 -38.01 -9.92
CA VAL B 409 -11.04 -36.70 -10.54
C VAL B 409 -11.62 -36.85 -11.96
N PRO B 410 -12.77 -36.24 -12.23
CA PRO B 410 -13.26 -36.41 -13.58
C PRO B 410 -12.35 -35.79 -14.63
N VAL B 411 -11.79 -34.62 -14.39
CA VAL B 411 -11.02 -33.93 -15.44
C VAL B 411 -9.66 -33.60 -14.88
N LEU B 412 -8.61 -34.04 -15.58
CA LEU B 412 -7.23 -33.67 -15.23
C LEU B 412 -6.60 -32.75 -16.32
N TYR B 413 -5.70 -31.86 -15.95
CA TYR B 413 -4.84 -31.18 -16.92
C TYR B 413 -3.45 -31.25 -16.34
N VAL B 414 -2.46 -31.45 -17.18
CA VAL B 414 -1.10 -31.18 -16.74
C VAL B 414 -0.78 -29.69 -17.02
N THR B 415 -1.04 -28.84 -16.04
CA THR B 415 -0.96 -27.38 -16.18
C THR B 415 0.44 -26.70 -16.05
N GLU B 416 1.47 -27.43 -15.58
CA GLU B 416 2.90 -27.03 -15.61
C GLU B 416 3.78 -28.26 -15.76
N SER B 417 4.58 -28.30 -16.81
CA SER B 417 5.57 -29.33 -17.04
C SER B 417 6.67 -28.60 -17.78
N GLY B 418 7.88 -28.60 -17.22
CA GLY B 418 9.07 -27.97 -17.87
C GLY B 418 10.36 -28.36 -17.22
N MET B 419 11.47 -27.89 -17.76
CA MET B 419 12.77 -28.16 -17.12
C MET B 419 13.65 -26.92 -16.87
N VAL B 420 14.33 -26.94 -15.74
CA VAL B 420 15.29 -25.94 -15.44
C VAL B 420 16.62 -26.09 -16.21
N GLU B 421 17.18 -24.93 -16.56
CA GLU B 421 18.46 -24.79 -17.23
C GLU B 421 19.12 -23.65 -16.50
N GLU B 422 20.44 -23.69 -16.37
CA GLU B 422 21.27 -22.61 -15.82
C GLU B 422 21.29 -21.37 -16.71
N ASN B 423 21.18 -20.20 -16.09
CA ASN B 423 21.45 -18.95 -16.80
C ASN B 423 22.95 -18.64 -16.88
N LYS B 424 23.50 -18.96 -18.03
CA LYS B 424 24.93 -18.99 -18.30
C LYS B 424 25.21 -17.67 -18.96
N THR B 425 25.86 -16.79 -18.23
CA THR B 425 26.15 -15.50 -18.79
C THR B 425 27.41 -15.88 -19.56
N LYS B 426 27.99 -15.06 -20.40
CA LYS B 426 29.26 -15.57 -21.01
C LYS B 426 29.19 -16.64 -22.11
N ILE B 427 28.00 -17.21 -22.42
CA ILE B 427 27.81 -17.81 -23.75
C ILE B 427 26.95 -16.99 -24.72
N LEU B 428 27.11 -17.26 -26.01
CA LEU B 428 26.31 -16.66 -27.06
C LEU B 428 24.89 -17.24 -27.16
N LEU B 429 23.92 -16.37 -27.46
CA LEU B 429 22.55 -16.73 -27.76
C LEU B 429 22.49 -17.85 -28.76
N SER B 430 23.50 -18.01 -29.57
CA SER B 430 23.53 -19.11 -30.56
C SER B 430 23.55 -20.55 -30.02
N GLU B 431 24.35 -20.69 -28.98
CA GLU B 431 24.53 -21.93 -28.21
C GLU B 431 23.40 -22.07 -27.18
N ALA B 432 23.13 -21.02 -26.40
CA ALA B 432 22.06 -21.07 -25.40
C ALA B 432 20.66 -21.40 -25.96
N ARG B 433 20.37 -20.98 -27.20
CA ARG B 433 19.13 -21.36 -27.91
C ARG B 433 18.99 -22.86 -28.05
N ARG B 434 20.10 -23.54 -28.22
CA ARG B 434 20.00 -24.90 -28.71
C ARG B 434 19.76 -25.84 -27.53
N ASP B 435 18.51 -25.93 -27.07
CA ASP B 435 18.16 -26.64 -25.80
C ASP B 435 17.55 -28.05 -26.03
N ALA B 436 18.29 -28.84 -26.81
CA ALA B 436 17.99 -30.22 -27.09
C ALA B 436 17.48 -31.01 -25.87
N GLU B 437 18.05 -30.75 -24.69
CA GLU B 437 17.61 -31.42 -23.50
C GLU B 437 16.11 -31.14 -23.15
N ARG B 438 15.69 -29.90 -23.35
CA ARG B 438 14.33 -29.55 -23.05
C ARG B 438 13.38 -30.27 -24.05
N THR B 439 13.72 -30.26 -25.35
CA THR B 439 12.91 -30.98 -26.40
C THR B 439 12.73 -32.47 -26.11
N ASP B 440 13.79 -33.12 -25.70
CA ASP B 440 13.68 -34.49 -25.20
C ASP B 440 12.84 -34.63 -23.90
N TYR B 441 13.00 -33.69 -22.97
CA TYR B 441 12.22 -33.62 -21.72
C TYR B 441 10.69 -33.67 -21.98
N HIS B 442 10.23 -32.77 -22.85
CA HIS B 442 8.81 -32.69 -23.10
C HIS B 442 8.43 -33.90 -23.91
N GLN B 443 9.30 -34.37 -24.80
CA GLN B 443 9.02 -35.62 -25.52
C GLN B 443 8.62 -36.76 -24.54
N LYS B 444 9.56 -37.18 -23.70
CA LYS B 444 9.32 -38.21 -22.69
C LYS B 444 8.16 -37.97 -21.72
N HIS B 445 7.82 -36.73 -21.39
CA HIS B 445 6.75 -36.49 -20.45
C HIS B 445 5.43 -36.61 -21.12
N LEU B 446 5.36 -36.26 -22.40
CA LEU B 446 4.16 -36.45 -23.20
C LEU B 446 3.94 -37.95 -23.44
N ALA B 447 5.05 -38.67 -23.56
CA ALA B 447 5.01 -40.11 -23.61
C ALA B 447 4.23 -40.53 -22.40
N SER B 448 4.74 -40.34 -21.19
CA SER B 448 4.01 -40.72 -20.00
C SER B 448 2.57 -40.23 -19.99
N VAL B 449 2.34 -39.05 -20.53
CA VAL B 449 1.01 -38.40 -20.40
C VAL B 449 0.05 -39.07 -21.37
N ARG B 450 0.55 -39.44 -22.55
CA ARG B 450 -0.12 -40.41 -23.50
C ARG B 450 -0.40 -41.75 -22.87
N ASP B 451 0.56 -42.28 -22.10
CA ASP B 451 0.43 -43.57 -21.40
C ASP B 451 -0.69 -43.56 -20.37
N ALA B 452 -0.79 -42.49 -19.56
CA ALA B 452 -1.83 -42.37 -18.56
C ALA B 452 -3.22 -42.28 -19.26
N ILE B 453 -3.27 -41.57 -20.39
CA ILE B 453 -4.51 -41.54 -21.15
C ILE B 453 -4.88 -42.93 -21.64
N ASP B 454 -3.91 -43.70 -22.16
CA ASP B 454 -4.21 -45.06 -22.67
C ASP B 454 -4.75 -46.00 -21.57
N ASP B 455 -4.35 -45.74 -20.32
CA ASP B 455 -4.85 -46.47 -19.11
C ASP B 455 -6.14 -45.90 -18.48
N GLY B 456 -6.75 -44.92 -19.14
CA GLY B 456 -8.05 -44.39 -18.73
C GLY B 456 -8.09 -43.12 -17.88
N VAL B 457 -6.93 -42.57 -17.56
CA VAL B 457 -6.92 -41.33 -16.86
C VAL B 457 -7.35 -40.22 -17.85
N ASN B 458 -8.42 -39.49 -17.52
CA ASN B 458 -9.01 -38.52 -18.41
C ASN B 458 -8.29 -37.18 -18.29
N VAL B 459 -7.01 -37.15 -18.69
CA VAL B 459 -6.18 -35.96 -18.82
C VAL B 459 -6.52 -35.25 -20.14
N LYS B 460 -6.76 -33.90 -20.11
CA LYS B 460 -7.33 -33.14 -21.26
C LYS B 460 -6.40 -32.03 -21.77
N GLY B 461 -5.17 -32.02 -21.29
CA GLY B 461 -4.30 -31.00 -21.71
C GLY B 461 -2.94 -31.05 -21.09
N TYR B 462 -2.00 -30.35 -21.74
CA TYR B 462 -0.61 -30.25 -21.37
C TYR B 462 -0.17 -28.82 -21.64
N PHE B 463 0.43 -28.21 -20.63
CA PHE B 463 0.90 -26.88 -20.73
C PHE B 463 2.39 -26.83 -20.38
N VAL B 464 3.21 -26.58 -21.40
CA VAL B 464 4.64 -26.24 -21.21
C VAL B 464 4.90 -25.07 -20.23
N TRP B 465 5.59 -25.31 -19.11
CA TRP B 465 6.01 -24.20 -18.18
C TRP B 465 7.50 -23.97 -18.32
N SER B 466 7.97 -22.74 -18.50
CA SER B 466 7.21 -21.55 -18.79
C SER B 466 7.34 -21.27 -20.29
N PHE B 467 6.54 -20.38 -20.83
CA PHE B 467 6.65 -20.10 -22.25
C PHE B 467 7.92 -19.31 -22.51
N PHE B 468 8.03 -18.17 -21.82
CA PHE B 468 9.16 -17.27 -21.82
C PHE B 468 9.99 -17.60 -20.60
N ASP B 469 11.32 -17.42 -20.71
CA ASP B 469 12.21 -17.24 -19.56
C ASP B 469 11.71 -16.12 -18.65
N ASN B 470 11.50 -16.41 -17.39
CA ASN B 470 11.01 -15.35 -16.53
C ASN B 470 11.65 -15.23 -15.14
N PHE B 471 11.16 -14.28 -14.30
CA PHE B 471 11.66 -14.13 -12.93
C PHE B 471 11.39 -15.43 -12.19
N GLU B 472 12.35 -15.87 -11.37
CA GLU B 472 12.22 -17.22 -10.78
C GLU B 472 12.17 -17.25 -9.25
N TRP B 473 11.44 -16.27 -8.73
CA TRP B 473 11.11 -16.22 -7.34
C TRP B 473 12.37 -16.03 -6.44
N ASN B 474 12.62 -16.94 -5.49
CA ASN B 474 13.84 -16.85 -4.63
C ASN B 474 15.16 -17.08 -5.40
N LEU B 475 15.05 -17.47 -6.68
CA LEU B 475 16.20 -17.73 -7.50
C LEU B 475 16.39 -16.65 -8.52
N GLY B 476 15.50 -15.65 -8.50
CA GLY B 476 15.65 -14.50 -9.34
C GLY B 476 15.87 -14.93 -10.75
N TYR B 477 17.01 -14.57 -11.33
CA TYR B 477 17.27 -14.76 -12.76
C TYR B 477 18.42 -15.73 -13.08
N ILE B 478 18.73 -16.64 -12.15
CA ILE B 478 19.93 -17.50 -12.25
C ILE B 478 19.59 -18.76 -13.04
N CYS B 479 18.32 -18.98 -13.32
CA CYS B 479 18.00 -20.00 -14.26
C CYS B 479 16.97 -19.56 -15.28
N ARG B 480 16.46 -20.54 -16.07
CA ARG B 480 15.52 -20.37 -17.22
C ARG B 480 14.75 -21.63 -17.34
N TYR B 481 13.47 -21.51 -17.69
CA TYR B 481 12.56 -22.67 -17.93
C TYR B 481 11.89 -22.53 -19.27
N GLY B 482 12.17 -21.45 -20.00
CA GLY B 482 11.37 -21.06 -21.16
C GLY B 482 11.60 -21.90 -22.42
N ILE B 483 10.67 -21.83 -23.39
CA ILE B 483 10.94 -22.31 -24.75
C ILE B 483 11.25 -21.13 -25.68
N ILE B 484 11.08 -19.93 -25.15
CA ILE B 484 11.47 -18.66 -25.81
C ILE B 484 12.48 -18.02 -24.88
N HIS B 485 13.64 -17.68 -25.41
CA HIS B 485 14.68 -17.06 -24.62
C HIS B 485 14.39 -15.55 -24.38
N VAL B 486 14.72 -15.04 -23.21
CA VAL B 486 14.56 -13.65 -22.99
C VAL B 486 15.89 -13.11 -22.47
N ASP B 487 16.45 -12.05 -23.09
CA ASP B 487 17.60 -11.36 -22.51
C ASP B 487 17.06 -10.55 -21.31
N TYR B 488 17.38 -11.03 -20.12
CA TYR B 488 16.82 -10.47 -18.89
C TYR B 488 16.95 -8.96 -18.72
N LYS B 489 18.01 -8.39 -19.28
CA LYS B 489 18.25 -6.96 -19.20
C LYS B 489 17.53 -6.12 -20.32
N SER B 490 17.68 -6.51 -21.60
CA SER B 490 17.15 -5.75 -22.78
C SER B 490 15.73 -6.14 -23.14
N PHE B 491 15.29 -7.26 -22.57
CA PHE B 491 13.98 -7.83 -22.84
C PHE B 491 13.79 -8.48 -24.25
N GLU B 492 14.82 -8.47 -25.13
CA GLU B 492 14.67 -9.18 -26.43
C GLU B 492 14.24 -10.64 -26.30
N ARG B 493 13.33 -11.07 -27.17
CA ARG B 493 12.83 -12.44 -27.15
C ARG B 493 13.36 -13.13 -28.38
N TYR B 494 13.53 -14.45 -28.30
CA TYR B 494 14.07 -15.26 -29.40
C TYR B 494 13.78 -16.72 -29.09
N PRO B 495 13.14 -17.43 -30.02
CA PRO B 495 12.68 -18.78 -29.76
C PRO B 495 13.85 -19.75 -29.61
N LYS B 496 13.78 -20.68 -28.65
CA LYS B 496 14.77 -21.77 -28.61
C LYS B 496 14.33 -22.87 -29.58
N GLU B 497 15.19 -23.87 -29.78
CA GLU B 497 14.84 -25.07 -30.57
C GLU B 497 13.65 -25.84 -30.03
N SER B 498 13.46 -25.87 -28.71
CA SER B 498 12.25 -26.52 -28.16
C SER B 498 10.93 -25.87 -28.64
N ALA B 499 10.95 -24.53 -28.82
CA ALA B 499 9.77 -23.81 -29.34
C ALA B 499 9.43 -24.33 -30.76
N ILE B 500 10.45 -24.57 -31.54
CA ILE B 500 10.30 -24.98 -32.92
C ILE B 500 9.95 -26.44 -32.91
N TRP B 501 10.50 -27.21 -31.97
CA TRP B 501 10.01 -28.60 -31.85
C TRP B 501 8.51 -28.52 -31.53
N TYR B 502 8.16 -27.56 -30.68
CA TYR B 502 6.80 -27.48 -30.12
C TYR B 502 5.79 -27.18 -31.24
N LYS B 503 6.15 -26.20 -32.07
CA LYS B 503 5.36 -25.69 -33.17
C LYS B 503 5.01 -26.86 -34.01
N ASN B 504 6.03 -27.71 -34.29
CA ASN B 504 5.91 -28.88 -35.16
C ASN B 504 5.08 -29.92 -34.52
N PHE B 505 5.19 -30.09 -33.21
CA PHE B 505 4.42 -31.12 -32.58
C PHE B 505 2.93 -30.79 -32.58
N ILE B 506 2.61 -29.52 -32.31
CA ILE B 506 1.24 -29.02 -32.23
C ILE B 506 0.48 -29.11 -33.54
N ALA B 507 1.22 -29.12 -34.65
CA ALA B 507 0.67 -29.10 -36.02
C ALA B 507 0.58 -30.52 -36.59
N GLY B 508 0.90 -31.52 -35.76
CA GLY B 508 0.76 -32.94 -36.15
C GLY B 508 -0.62 -33.49 -36.51
CAI C1K C . -6.57 22.70 14.25
CAF C1K C . -7.53 22.03 15.28
CAE C1K C . -8.61 21.07 14.60
CAG C1K C . -9.35 21.81 13.44
CAJ C1K C . -8.82 23.32 13.27
CAL C1K C . -7.29 23.36 13.03
NAK C1K C . -6.89 22.69 11.74
CAQ C1K C . -6.39 23.51 10.60
CAO C1K C . -5.44 22.72 9.62
OAD C1K C . -4.06 23.27 9.59
CAM C1K C . -6.05 22.92 8.22
OAB C1K C . -5.80 21.81 7.36
CAN C1K C . -7.51 23.05 8.51
OAC C1K C . -8.15 23.68 7.44
CAP C1K C . -7.53 24.00 9.69
CAH C1K C . -8.89 23.79 10.37
OAA C1K C . -9.63 25.00 10.33
CAI C1K D . 6.49 -26.47 -7.71
CAF C1K D . 7.35 -26.67 -6.41
CAE C1K D . 7.90 -25.35 -5.86
CAG C1K D . 8.79 -24.74 -6.96
CAJ C1K D . 8.69 -25.65 -8.29
CAL C1K D . 7.23 -25.67 -8.78
NAK C1K D . 6.68 -24.29 -8.92
CAQ C1K D . 6.26 -23.75 -10.23
CAO C1K D . 5.34 -22.47 -10.06
OAD C1K D . 3.93 -22.72 -10.41
CAM C1K D . 5.95 -21.49 -11.09
OAB C1K D . 5.66 -20.15 -10.76
CAN C1K D . 7.41 -21.73 -10.97
OAC C1K D . 8.07 -21.14 -12.07
CAP C1K D . 7.42 -23.21 -11.16
CAH C1K D . 8.82 -23.69 -10.80
OAA C1K D . 9.43 -24.00 -12.07
#